data_2ZBV
#
_entry.id   2ZBV
#
_cell.length_a   73.200
_cell.length_b   136.697
_cell.length_c   186.312
_cell.angle_alpha   90.00
_cell.angle_beta   90.00
_cell.angle_gamma   90.00
#
_symmetry.space_group_name_H-M   'C 2 2 21'
#
loop_
_entity.id
_entity.type
_entity.pdbx_description
1 polymer 'Uncharacterized conserved protein'
2 non-polymer ADENOSINE
3 water water
#
_entity_poly.entity_id   1
_entity_poly.type   'polypeptide(L)'
_entity_poly.pdbx_seq_one_letter_code
;(MSE)IGFLTDWGLKSHYVGVAKAVIKRINPSAEIIDITHEVEPFNVRKASHVLYRASLDFPPSTVFLVVVDYGVGTSRK
AIV(MSE)KTKNDQYFVAPDNGVLTVVAEEYGVAEIREIENRELFYKKNPSFTFHGRDIFAPVAAHLD(MSE)GLPLERV
GDRLLSYEVLK(MSE)RKPVVENEKVIGEVAIVDTFGNVSTNIPFDLFLKLSVDFDDVVRVRVGRKEFKAAVAKAFGDVD
TGELLVHPDSAGFLEIAVNLGDASQVLSVKEGDEIEICR
;
_entity_poly.pdbx_strand_id   A,B,C
#
# COMPACT_ATOMS: atom_id res chain seq x y z
N ILE A 2 -17.52 0.87 -2.37
CA ILE A 2 -17.22 1.03 -0.96
C ILE A 2 -15.88 1.77 -0.78
N GLY A 3 -15.90 2.89 -0.06
CA GLY A 3 -14.68 3.65 0.20
C GLY A 3 -14.16 3.18 1.55
N PHE A 4 -12.93 2.67 1.59
CA PHE A 4 -12.34 2.08 2.80
C PHE A 4 -11.26 2.95 3.45
N LEU A 5 -11.48 3.32 4.72
CA LEU A 5 -10.54 4.16 5.47
C LEU A 5 -10.29 3.63 6.89
N THR A 6 -9.02 3.40 7.25
CA THR A 6 -8.66 2.89 8.58
C THR A 6 -7.27 3.34 9.03
N ASP A 7 -6.89 2.92 10.23
CA ASP A 7 -5.57 3.20 10.79
C ASP A 7 -4.87 1.85 10.99
N TRP A 8 -5.32 0.83 10.24
CA TRP A 8 -4.77 -0.52 10.38
C TRP A 8 -3.39 -0.75 9.77
N GLY A 9 -3.04 0.03 8.75
CA GLY A 9 -1.76 -0.14 8.09
C GLY A 9 -1.84 -1.23 7.03
N LEU A 10 -1.00 -1.16 6.01
CA LEU A 10 -1.00 -2.15 4.94
C LEU A 10 -0.02 -3.28 5.23
N LYS A 11 0.75 -3.12 6.29
CA LYS A 11 1.73 -4.13 6.69
C LYS A 11 1.06 -5.36 7.32
N SER A 12 0.02 -5.14 8.11
CA SER A 12 -0.68 -6.25 8.75
C SER A 12 -1.68 -6.87 7.78
N HIS A 13 -2.22 -8.02 8.15
CA HIS A 13 -3.20 -8.73 7.32
C HIS A 13 -4.63 -8.29 7.61
N TYR A 14 -4.80 -7.33 8.52
CA TYR A 14 -6.13 -6.87 8.89
C TYR A 14 -6.95 -6.36 7.72
N VAL A 15 -6.36 -5.50 6.90
CA VAL A 15 -7.09 -4.96 5.78
C VAL A 15 -7.55 -6.09 4.85
N GLY A 16 -6.65 -7.01 4.56
CA GLY A 16 -7.01 -8.12 3.68
C GLY A 16 -8.14 -9.00 4.19
N VAL A 17 -8.16 -9.32 5.48
CA VAL A 17 -9.23 -10.17 6.00
C VAL A 17 -10.59 -9.48 5.95
N ALA A 18 -10.60 -8.16 6.16
CA ALA A 18 -11.83 -7.40 6.09
C ALA A 18 -12.34 -7.40 4.66
N LYS A 19 -11.42 -7.34 3.70
CA LYS A 19 -11.80 -7.35 2.28
C LYS A 19 -12.36 -8.72 1.92
N ALA A 20 -11.76 -9.76 2.49
CA ALA A 20 -12.21 -11.13 2.25
C ALA A 20 -13.64 -11.28 2.74
N VAL A 21 -13.93 -10.72 3.92
CA VAL A 21 -15.26 -10.80 4.49
C VAL A 21 -16.27 -10.08 3.58
N ILE A 22 -15.89 -8.92 3.08
CA ILE A 22 -16.75 -8.15 2.20
C ILE A 22 -17.04 -8.92 0.90
N LYS A 23 -15.98 -9.45 0.29
CA LYS A 23 -16.09 -10.19 -0.96
C LYS A 23 -16.81 -11.53 -0.82
N ARG A 24 -16.86 -12.06 0.39
CA ARG A 24 -17.54 -13.33 0.64
C ARG A 24 -19.03 -13.01 0.60
N ILE A 25 -19.38 -11.86 1.15
CA ILE A 25 -20.77 -11.42 1.18
C ILE A 25 -21.21 -10.99 -0.21
N ASN A 26 -20.40 -10.16 -0.86
CA ASN A 26 -20.70 -9.69 -2.20
C ASN A 26 -19.47 -9.80 -3.09
N PRO A 27 -19.39 -10.87 -3.90
CA PRO A 27 -18.24 -11.06 -4.79
C PRO A 27 -18.09 -9.92 -5.79
N SER A 28 -19.16 -9.18 -5.99
CA SER A 28 -19.14 -8.07 -6.95
C SER A 28 -18.87 -6.71 -6.33
N ALA A 29 -18.59 -6.69 -5.02
CA ALA A 29 -18.34 -5.43 -4.33
C ALA A 29 -17.07 -4.75 -4.85
N GLU A 30 -17.15 -3.44 -5.04
CA GLU A 30 -16.02 -2.66 -5.51
C GLU A 30 -15.45 -1.90 -4.31
N ILE A 31 -14.27 -2.29 -3.88
CA ILE A 31 -13.64 -1.67 -2.71
C ILE A 31 -12.50 -0.75 -3.12
N ILE A 32 -12.63 0.52 -2.78
CA ILE A 32 -11.57 1.49 -3.09
C ILE A 32 -10.99 1.96 -1.78
N ASP A 33 -9.70 1.73 -1.60
CA ASP A 33 -9.02 2.15 -0.39
C ASP A 33 -8.78 3.65 -0.45
N ILE A 34 -9.21 4.36 0.58
CA ILE A 34 -8.98 5.79 0.67
C ILE A 34 -7.56 5.87 1.23
N THR A 35 -7.37 5.17 2.35
CA THR A 35 -6.06 5.03 3.01
C THR A 35 -6.19 4.17 4.25
N HIS A 36 -5.13 3.44 4.56
CA HIS A 36 -5.11 2.58 5.73
C HIS A 36 -3.94 3.00 6.60
N GLU A 37 -3.40 4.17 6.29
CA GLU A 37 -2.25 4.69 7.01
C GLU A 37 -2.52 5.88 7.93
N VAL A 38 -3.77 6.05 8.36
CA VAL A 38 -4.05 7.12 9.31
C VAL A 38 -3.23 6.72 10.52
N GLU A 39 -2.59 7.68 11.18
CA GLU A 39 -1.79 7.33 12.35
C GLU A 39 -2.68 6.66 13.37
N PRO A 40 -2.14 5.65 14.08
CA PRO A 40 -2.91 4.93 15.10
C PRO A 40 -3.82 5.80 15.97
N PHE A 41 -5.08 5.41 16.06
CA PHE A 41 -6.10 6.08 16.86
C PHE A 41 -6.39 7.53 16.51
N ASN A 42 -5.80 8.05 15.44
CA ASN A 42 -6.03 9.47 15.13
C ASN A 42 -7.36 9.75 14.42
N VAL A 43 -8.44 9.75 15.19
CA VAL A 43 -9.76 10.00 14.65
C VAL A 43 -9.88 11.41 14.07
N ARG A 44 -9.22 12.39 14.69
CA ARG A 44 -9.30 13.76 14.18
C ARG A 44 -8.77 13.82 12.74
N LYS A 45 -7.62 13.20 12.51
CA LYS A 45 -7.02 13.17 11.17
C LYS A 45 -7.94 12.42 10.20
N ALA A 46 -8.42 11.27 10.64
CA ALA A 46 -9.31 10.47 9.81
C ALA A 46 -10.58 11.25 9.42
N SER A 47 -11.12 12.05 10.33
CA SER A 47 -12.34 12.80 10.05
C SER A 47 -12.11 13.76 8.88
N HIS A 48 -10.94 14.37 8.83
CA HIS A 48 -10.59 15.28 7.75
C HIS A 48 -10.36 14.55 6.43
N VAL A 49 -9.55 13.49 6.46
CA VAL A 49 -9.26 12.70 5.25
C VAL A 49 -10.55 12.14 4.65
N LEU A 50 -11.45 11.68 5.52
CA LEU A 50 -12.74 11.13 5.09
C LEU A 50 -13.54 12.15 4.30
N TYR A 51 -13.72 13.33 4.86
CA TYR A 51 -14.48 14.37 4.16
C TYR A 51 -13.87 14.70 2.81
N ARG A 52 -12.58 15.05 2.80
CA ARG A 52 -11.92 15.41 1.55
C ARG A 52 -12.00 14.32 0.48
N ALA A 53 -11.80 13.07 0.86
CA ALA A 53 -11.88 12.00 -0.13
C ALA A 53 -13.32 11.81 -0.62
N SER A 54 -14.30 11.95 0.28
CA SER A 54 -15.71 11.75 -0.05
C SER A 54 -16.22 12.70 -1.12
N LEU A 55 -15.54 13.84 -1.25
CA LEU A 55 -15.92 14.83 -2.25
C LEU A 55 -15.79 14.27 -3.66
N ASP A 56 -14.93 13.28 -3.84
CA ASP A 56 -14.74 12.70 -5.17
C ASP A 56 -15.46 11.37 -5.41
N PHE A 57 -16.18 10.89 -4.41
CA PHE A 57 -16.95 9.64 -4.55
C PHE A 57 -18.38 10.05 -4.91
N PRO A 58 -19.08 9.24 -5.70
CA PRO A 58 -20.46 9.57 -6.10
C PRO A 58 -21.51 9.33 -5.02
N PRO A 59 -22.72 9.86 -5.23
CA PRO A 59 -23.77 9.65 -4.23
C PRO A 59 -24.04 8.16 -4.17
N SER A 60 -24.54 7.68 -3.03
CA SER A 60 -24.82 6.27 -2.80
C SER A 60 -23.61 5.44 -2.41
N THR A 61 -22.45 6.08 -2.35
CA THR A 61 -21.22 5.40 -1.96
C THR A 61 -21.36 5.06 -0.48
N VAL A 62 -20.88 3.88 -0.10
CA VAL A 62 -20.90 3.45 1.29
C VAL A 62 -19.45 3.52 1.78
N PHE A 63 -19.21 4.27 2.85
CA PHE A 63 -17.87 4.41 3.41
C PHE A 63 -17.67 3.56 4.65
N LEU A 64 -16.62 2.74 4.65
CA LEU A 64 -16.29 1.89 5.78
C LEU A 64 -15.14 2.60 6.48
N VAL A 65 -15.45 3.25 7.61
CA VAL A 65 -14.45 4.03 8.32
C VAL A 65 -14.17 3.45 9.70
N VAL A 66 -12.99 2.86 9.86
CA VAL A 66 -12.64 2.25 11.12
C VAL A 66 -11.32 2.66 11.75
N VAL A 67 -11.42 3.69 12.61
CA VAL A 67 -10.30 4.21 13.41
C VAL A 67 -11.11 4.12 14.70
N ASP A 68 -10.92 3.00 15.40
CA ASP A 68 -11.74 2.69 16.56
C ASP A 68 -11.00 2.26 17.83
N TYR A 69 -10.37 3.21 18.51
CA TYR A 69 -9.63 2.88 19.73
C TYR A 69 -10.55 2.36 20.84
N GLY A 70 -11.83 2.71 20.76
CA GLY A 70 -12.78 2.27 21.78
C GLY A 70 -13.48 0.98 21.42
N VAL A 71 -12.92 0.25 20.46
CA VAL A 71 -13.50 -1.00 20.03
C VAL A 71 -13.74 -1.91 21.25
N GLY A 72 -14.94 -2.50 21.32
CA GLY A 72 -15.24 -3.40 22.42
C GLY A 72 -15.80 -2.74 23.68
N THR A 73 -15.90 -1.41 23.70
CA THR A 73 -16.45 -0.70 24.86
C THR A 73 -17.92 -0.37 24.59
N SER A 74 -18.50 0.48 25.43
CA SER A 74 -19.92 0.84 25.28
C SER A 74 -20.16 1.83 24.15
N ARG A 75 -19.09 2.25 23.48
CA ARG A 75 -19.23 3.20 22.38
C ARG A 75 -20.13 2.54 21.33
N LYS A 76 -21.05 3.32 20.77
CA LYS A 76 -21.98 2.83 19.77
C LYS A 76 -21.36 2.62 18.40
N ALA A 77 -21.89 1.64 17.68
CA ALA A 77 -21.48 1.32 16.32
C ALA A 77 -22.64 1.93 15.53
N ILE A 78 -22.34 2.77 14.56
CA ILE A 78 -23.40 3.44 13.81
C ILE A 78 -23.25 3.48 12.30
N VAL A 79 -24.33 3.91 11.64
CA VAL A 79 -24.37 4.08 10.19
C VAL A 79 -25.07 5.42 9.99
N LYS A 81 -26.30 8.66 7.36
CA LYS A 81 -26.66 9.01 6.00
C LYS A 81 -26.61 10.52 5.95
N THR A 82 -25.80 11.05 5.05
CA THR A 82 -25.66 12.49 4.92
C THR A 82 -26.62 13.00 3.84
N LYS A 83 -26.96 14.27 3.92
CA LYS A 83 -27.91 14.85 2.97
C LYS A 83 -27.47 14.88 1.51
N ASN A 84 -26.24 14.44 1.24
CA ASN A 84 -25.74 14.39 -0.14
C ASN A 84 -25.84 12.95 -0.63
N ASP A 85 -26.61 12.15 0.10
CA ASP A 85 -26.85 10.75 -0.24
C ASP A 85 -25.67 9.79 -0.14
N GLN A 86 -24.81 9.97 0.85
CA GLN A 86 -23.69 9.06 1.03
C GLN A 86 -23.87 8.33 2.37
N TYR A 87 -23.31 7.14 2.47
CA TYR A 87 -23.44 6.34 3.70
C TYR A 87 -22.10 6.11 4.40
N PHE A 88 -22.12 6.18 5.73
CA PHE A 88 -20.92 5.99 6.55
C PHE A 88 -21.12 4.99 7.67
N VAL A 89 -20.37 3.89 7.58
CA VAL A 89 -20.39 2.83 8.58
C VAL A 89 -19.17 3.07 9.46
N ALA A 90 -19.40 3.43 10.72
CA ALA A 90 -18.29 3.72 11.63
C ALA A 90 -18.64 3.74 13.11
N PRO A 91 -17.61 3.82 13.97
CA PRO A 91 -17.86 3.85 15.41
C PRO A 91 -18.31 5.26 15.74
N ASP A 92 -19.13 5.40 16.78
CA ASP A 92 -19.62 6.70 17.21
C ASP A 92 -18.57 7.38 18.09
N ASN A 93 -17.41 7.72 17.52
CA ASN A 93 -16.34 8.35 18.28
C ASN A 93 -15.92 9.72 17.74
N GLY A 94 -16.72 10.29 16.83
CA GLY A 94 -16.38 11.58 16.29
C GLY A 94 -15.69 11.57 14.93
N VAL A 95 -15.32 10.39 14.43
CA VAL A 95 -14.66 10.33 13.13
C VAL A 95 -15.54 10.90 11.98
N LEU A 96 -16.86 10.84 12.15
CA LEU A 96 -17.78 11.35 11.13
C LEU A 96 -18.15 12.82 11.35
N THR A 97 -17.42 13.48 12.24
CA THR A 97 -17.68 14.89 12.55
C THR A 97 -17.69 15.84 11.36
N VAL A 98 -16.66 15.77 10.52
CA VAL A 98 -16.56 16.66 9.37
C VAL A 98 -17.62 16.43 8.29
N VAL A 99 -17.83 15.18 7.87
CA VAL A 99 -18.86 14.94 6.85
C VAL A 99 -20.24 15.35 7.37
N ALA A 100 -20.50 15.08 8.65
CA ALA A 100 -21.77 15.43 9.27
C ALA A 100 -21.97 16.95 9.22
N GLU A 101 -20.92 17.69 9.54
CA GLU A 101 -20.97 19.15 9.57
C GLU A 101 -21.04 19.77 8.17
N GLU A 102 -20.29 19.20 7.23
CA GLU A 102 -20.26 19.73 5.87
C GLU A 102 -21.43 19.34 4.98
N TYR A 103 -21.91 18.11 5.13
CA TYR A 103 -23.01 17.64 4.28
C TYR A 103 -24.38 17.68 4.95
N GLY A 104 -24.41 17.74 6.27
CA GLY A 104 -25.68 17.72 6.97
C GLY A 104 -26.09 16.28 7.22
N VAL A 105 -26.71 16.01 8.36
CA VAL A 105 -27.11 14.66 8.72
C VAL A 105 -28.57 14.39 8.37
N ALA A 106 -28.79 13.35 7.55
CA ALA A 106 -30.14 13.00 7.15
C ALA A 106 -30.73 11.96 8.08
N GLU A 107 -29.91 11.01 8.52
CA GLU A 107 -30.38 9.94 9.40
C GLU A 107 -29.22 9.17 10.00
N ILE A 108 -29.39 8.74 11.25
CA ILE A 108 -28.37 7.95 11.95
C ILE A 108 -29.01 6.69 12.54
N ARG A 109 -28.38 5.55 12.31
CA ARG A 109 -28.87 4.26 12.82
C ARG A 109 -27.81 3.60 13.69
N GLU A 110 -28.25 2.89 14.72
CA GLU A 110 -27.29 2.15 15.53
C GLU A 110 -27.30 0.76 14.93
N ILE A 111 -26.13 0.15 14.83
CA ILE A 111 -26.03 -1.18 14.28
C ILE A 111 -26.48 -2.16 15.36
N GLU A 112 -27.69 -2.70 15.21
CA GLU A 112 -28.23 -3.63 16.18
C GLU A 112 -28.62 -4.97 15.56
N ASN A 113 -28.82 -4.97 14.25
CA ASN A 113 -29.20 -6.20 13.55
C ASN A 113 -28.05 -7.18 13.50
N ARG A 114 -28.00 -8.07 14.49
CA ARG A 114 -26.94 -9.06 14.57
C ARG A 114 -26.87 -10.00 13.37
N GLU A 115 -27.93 -10.04 12.57
CA GLU A 115 -27.96 -10.91 11.41
C GLU A 115 -27.05 -10.41 10.28
N LEU A 116 -26.58 -9.18 10.41
CA LEU A 116 -25.70 -8.59 9.40
C LEU A 116 -24.22 -8.85 9.70
N PHE A 117 -23.95 -9.35 10.91
CA PHE A 117 -22.58 -9.62 11.34
C PHE A 117 -21.91 -10.77 10.60
N TYR A 118 -20.58 -10.77 10.62
CA TYR A 118 -19.78 -11.81 9.98
C TYR A 118 -19.78 -13.02 10.91
N LYS A 119 -19.84 -12.77 12.21
CA LYS A 119 -19.86 -13.85 13.18
C LYS A 119 -20.91 -13.62 14.27
N LYS A 120 -21.48 -14.70 14.76
CA LYS A 120 -22.50 -14.64 15.80
C LYS A 120 -21.94 -13.94 17.03
N ASN A 121 -20.70 -14.27 17.37
CA ASN A 121 -20.02 -13.67 18.53
C ASN A 121 -18.81 -12.89 18.03
N PRO A 122 -18.97 -11.58 17.81
CA PRO A 122 -17.87 -10.73 17.33
C PRO A 122 -16.67 -10.71 18.28
N SER A 123 -15.47 -10.62 17.71
CA SER A 123 -14.26 -10.54 18.52
C SER A 123 -14.41 -9.26 19.34
N PHE A 124 -13.73 -9.18 20.48
CA PHE A 124 -13.85 -7.99 21.31
C PHE A 124 -13.10 -6.79 20.75
N THR A 125 -12.02 -7.04 20.00
CA THR A 125 -11.23 -5.94 19.49
C THR A 125 -11.08 -5.76 17.98
N PHE A 126 -11.94 -6.42 17.20
CA PHE A 126 -11.86 -6.27 15.74
C PHE A 126 -13.27 -6.17 15.12
N HIS A 127 -14.05 -5.22 15.60
CA HIS A 127 -15.40 -5.01 15.07
C HIS A 127 -15.31 -4.61 13.60
N GLY A 128 -14.15 -4.07 13.20
CA GLY A 128 -13.96 -3.69 11.81
C GLY A 128 -14.24 -4.86 10.88
N ARG A 129 -13.82 -6.05 11.28
CA ARG A 129 -14.02 -7.26 10.47
C ARG A 129 -15.36 -7.95 10.74
N ASP A 130 -15.73 -8.02 12.00
CA ASP A 130 -16.93 -8.73 12.42
C ASP A 130 -18.26 -8.01 12.36
N ILE A 131 -18.22 -6.68 12.37
CA ILE A 131 -19.44 -5.89 12.36
C ILE A 131 -19.51 -4.81 11.28
N PHE A 132 -18.50 -3.95 11.23
CA PHE A 132 -18.48 -2.85 10.25
C PHE A 132 -18.37 -3.26 8.80
N ALA A 133 -17.39 -4.09 8.47
CA ALA A 133 -17.20 -4.52 7.09
C ALA A 133 -18.43 -5.22 6.53
N PRO A 134 -18.94 -6.25 7.22
CA PRO A 134 -20.12 -6.93 6.67
C PRO A 134 -21.33 -6.02 6.53
N VAL A 135 -21.50 -5.09 7.47
CA VAL A 135 -22.62 -4.16 7.40
C VAL A 135 -22.47 -3.28 6.15
N ALA A 136 -21.27 -2.77 5.91
CA ALA A 136 -21.01 -1.94 4.74
C ALA A 136 -21.28 -2.79 3.49
N ALA A 137 -20.86 -4.04 3.52
CA ALA A 137 -21.05 -4.94 2.40
C ALA A 137 -22.54 -5.12 2.07
N HIS A 138 -23.37 -5.32 3.08
CA HIS A 138 -24.81 -5.49 2.89
C HIS A 138 -25.45 -4.21 2.36
N LEU A 139 -25.09 -3.08 2.95
CA LEU A 139 -25.64 -1.80 2.52
C LEU A 139 -25.29 -1.55 1.05
N ASP A 140 -24.05 -1.83 0.68
CA ASP A 140 -23.60 -1.63 -0.70
C ASP A 140 -24.32 -2.59 -1.63
N GLY A 142 -27.55 -3.16 -1.39
CA GLY A 142 -28.94 -2.78 -1.49
C GLY A 142 -29.74 -2.88 -0.21
N LEU A 143 -29.15 -3.45 0.84
CA LEU A 143 -29.86 -3.56 2.11
C LEU A 143 -30.38 -2.20 2.56
N PRO A 144 -31.68 -2.10 2.89
CA PRO A 144 -32.28 -0.84 3.34
C PRO A 144 -31.65 -0.41 4.65
N LEU A 145 -31.41 0.89 4.80
CA LEU A 145 -30.78 1.43 6.00
C LEU A 145 -31.51 1.08 7.30
N GLU A 146 -32.84 1.16 7.26
CA GLU A 146 -33.68 0.87 8.43
C GLU A 146 -33.45 -0.53 9.00
N ARG A 147 -32.89 -1.41 8.19
CA ARG A 147 -32.63 -2.78 8.60
C ARG A 147 -31.38 -2.90 9.50
N VAL A 148 -30.59 -1.84 9.58
CA VAL A 148 -29.39 -1.87 10.41
C VAL A 148 -29.75 -1.80 11.89
N GLY A 149 -30.80 -1.04 12.20
CA GLY A 149 -31.23 -0.89 13.59
C GLY A 149 -32.08 0.35 13.79
N ASP A 150 -32.27 0.74 15.06
CA ASP A 150 -33.08 1.92 15.38
C ASP A 150 -32.34 3.21 15.14
N ARG A 151 -33.09 4.29 14.94
CA ARG A 151 -32.50 5.61 14.72
C ARG A 151 -31.92 6.17 16.02
N LEU A 152 -30.99 7.11 15.87
CA LEU A 152 -30.37 7.79 17.00
C LEU A 152 -30.62 9.27 16.71
N LEU A 153 -30.69 10.09 17.74
CA LEU A 153 -30.95 11.50 17.52
C LEU A 153 -29.69 12.34 17.64
N SER A 154 -28.63 11.73 18.15
CA SER A 154 -27.37 12.43 18.30
C SER A 154 -26.20 11.51 18.00
N TYR A 155 -25.01 12.12 17.92
CA TYR A 155 -23.78 11.40 17.65
C TYR A 155 -22.66 12.18 18.30
N GLU A 156 -21.57 11.50 18.66
CA GLU A 156 -20.43 12.17 19.29
C GLU A 156 -19.77 13.12 18.31
N VAL A 157 -19.42 14.30 18.79
CA VAL A 157 -18.79 15.30 17.94
C VAL A 157 -17.42 15.69 18.47
N LEU A 158 -16.46 15.84 17.55
CA LEU A 158 -15.11 16.25 17.92
C LEU A 158 -15.08 17.75 18.12
N LYS A 159 -14.63 18.19 19.28
CA LYS A 159 -14.56 19.62 19.55
C LYS A 159 -13.50 20.23 18.64
N ARG A 161 -12.16 24.07 16.86
CA ARG A 161 -12.27 25.52 16.80
C ARG A 161 -12.40 25.90 15.33
N LYS A 162 -13.63 26.21 14.91
CA LYS A 162 -13.90 26.57 13.52
C LYS A 162 -12.99 27.69 13.01
N PRO A 163 -12.45 27.54 11.80
CA PRO A 163 -11.57 28.58 11.25
C PRO A 163 -12.42 29.82 10.96
N VAL A 164 -11.97 30.96 11.47
CA VAL A 164 -12.70 32.20 11.26
C VAL A 164 -11.81 33.29 10.67
N VAL A 165 -12.45 34.29 10.09
CA VAL A 165 -11.74 35.43 9.51
C VAL A 165 -11.88 36.57 10.50
N GLU A 166 -10.74 37.09 10.98
CA GLU A 166 -10.80 38.19 11.93
C GLU A 166 -9.65 39.18 11.80
N ASN A 167 -10.01 40.43 11.55
CA ASN A 167 -9.04 41.51 11.43
C ASN A 167 -7.84 41.24 10.51
N GLU A 168 -8.10 41.23 9.20
CA GLU A 168 -7.05 41.03 8.20
C GLU A 168 -6.37 39.66 8.18
N LYS A 169 -6.80 38.73 9.01
CA LYS A 169 -6.17 37.42 9.03
C LYS A 169 -7.14 36.27 9.23
N VAL A 170 -6.67 35.07 8.93
CA VAL A 170 -7.46 33.87 9.11
C VAL A 170 -6.72 32.95 10.08
N ILE A 171 -7.44 32.43 11.06
CA ILE A 171 -6.88 31.55 12.05
C ILE A 171 -7.41 30.14 11.83
N GLY A 172 -6.54 29.14 11.94
CA GLY A 172 -6.95 27.77 11.75
C GLY A 172 -5.96 26.80 12.32
N GLU A 173 -5.98 25.56 11.81
CA GLU A 173 -5.06 24.53 12.28
C GLU A 173 -4.61 23.67 11.12
N VAL A 174 -3.48 22.99 11.30
CA VAL A 174 -2.94 22.08 10.29
C VAL A 174 -3.81 20.82 10.37
N ALA A 175 -4.44 20.46 9.27
CA ALA A 175 -5.30 19.29 9.23
C ALA A 175 -4.58 18.04 8.73
N ILE A 176 -3.76 18.20 7.70
CA ILE A 176 -3.05 17.07 7.11
C ILE A 176 -1.71 17.45 6.52
N VAL A 177 -0.70 16.62 6.78
CA VAL A 177 0.64 16.80 6.21
C VAL A 177 0.74 15.59 5.27
N ASP A 178 0.86 15.82 3.96
CA ASP A 178 0.92 14.69 3.03
C ASP A 178 2.33 14.12 2.80
N THR A 179 2.42 13.19 1.86
CA THR A 179 3.68 12.52 1.53
C THR A 179 4.81 13.48 1.14
N PHE A 180 4.43 14.58 0.50
CA PHE A 180 5.40 15.57 0.05
C PHE A 180 5.80 16.56 1.15
N GLY A 181 5.06 16.57 2.24
CA GLY A 181 5.36 17.50 3.30
C GLY A 181 4.50 18.74 3.15
N ASN A 182 3.56 18.68 2.21
CA ASN A 182 2.66 19.80 2.01
C ASN A 182 1.80 19.89 3.26
N VAL A 183 1.56 21.13 3.70
CA VAL A 183 0.79 21.37 4.92
C VAL A 183 -0.61 21.90 4.62
N SER A 184 -1.61 21.02 4.67
CA SER A 184 -2.98 21.46 4.40
C SER A 184 -3.70 21.81 5.70
N THR A 185 -4.33 22.98 5.71
CA THR A 185 -5.04 23.45 6.89
C THR A 185 -6.52 23.12 6.79
N ASN A 186 -7.28 23.55 7.79
CA ASN A 186 -8.72 23.32 7.82
C ASN A 186 -9.41 24.62 7.41
N ILE A 187 -8.62 25.53 6.83
CA ILE A 187 -9.11 26.83 6.38
C ILE A 187 -9.55 26.73 4.92
N PRO A 188 -10.84 26.97 4.65
CA PRO A 188 -11.27 26.90 3.25
C PRO A 188 -10.58 28.00 2.47
N PHE A 189 -10.10 27.71 1.27
CA PHE A 189 -9.42 28.74 0.49
C PHE A 189 -10.40 29.88 0.17
N ASP A 190 -11.69 29.56 0.14
CA ASP A 190 -12.71 30.58 -0.12
C ASP A 190 -12.74 31.56 1.05
N LEU A 191 -12.67 31.03 2.27
CA LEU A 191 -12.66 31.85 3.47
C LEU A 191 -11.45 32.77 3.38
N PHE A 192 -10.31 32.20 3.00
CA PHE A 192 -9.07 32.95 2.86
C PHE A 192 -9.24 34.05 1.81
N LEU A 193 -10.01 33.76 0.77
CA LEU A 193 -10.22 34.73 -0.29
C LEU A 193 -11.05 35.92 0.14
N LYS A 194 -11.56 35.90 1.37
CA LYS A 194 -12.36 37.00 1.88
C LYS A 194 -11.47 38.05 2.54
N LEU A 195 -10.18 37.77 2.59
CA LEU A 195 -9.21 38.69 3.17
C LEU A 195 -8.75 39.63 2.06
N SER A 196 -9.47 39.59 0.94
CA SER A 196 -9.14 40.41 -0.21
C SER A 196 -7.67 40.21 -0.59
N VAL A 197 -7.33 38.97 -0.89
CA VAL A 197 -5.98 38.61 -1.30
C VAL A 197 -6.15 37.94 -2.66
N ASP A 198 -5.09 37.91 -3.44
CA ASP A 198 -5.18 37.31 -4.75
C ASP A 198 -3.86 36.67 -5.13
N PHE A 199 -3.88 35.86 -6.17
CA PHE A 199 -2.67 35.22 -6.64
C PHE A 199 -1.66 36.33 -6.97
N ASP A 200 -0.41 36.10 -6.59
CA ASP A 200 0.69 37.04 -6.79
C ASP A 200 0.89 37.91 -5.56
N ASP A 201 -0.10 37.91 -4.67
CA ASP A 201 0.07 38.68 -3.44
C ASP A 201 1.03 37.88 -2.57
N VAL A 202 1.47 38.48 -1.49
CA VAL A 202 2.37 37.83 -0.56
C VAL A 202 1.72 37.97 0.81
N VAL A 203 1.64 36.86 1.53
CA VAL A 203 1.04 36.90 2.86
C VAL A 203 2.02 36.36 3.88
N ARG A 204 1.67 36.55 5.14
CA ARG A 204 2.51 36.08 6.24
C ARG A 204 1.90 34.85 6.90
N VAL A 205 2.69 33.81 7.01
CA VAL A 205 2.26 32.57 7.63
C VAL A 205 2.90 32.51 9.00
N ARG A 206 2.08 32.43 10.04
CA ARG A 206 2.60 32.38 11.39
C ARG A 206 2.38 31.03 12.07
N VAL A 207 3.47 30.39 12.46
CA VAL A 207 3.42 29.11 13.15
C VAL A 207 4.12 29.30 14.49
N GLY A 208 3.37 29.17 15.57
CA GLY A 208 3.95 29.36 16.89
C GLY A 208 4.55 30.75 17.04
N ARG A 209 5.87 30.80 17.17
CA ARG A 209 6.59 32.06 17.33
C ARG A 209 7.27 32.52 16.05
N LYS A 210 7.17 31.72 15.00
CA LYS A 210 7.80 32.04 13.73
C LYS A 210 6.84 32.72 12.76
N GLU A 211 7.41 33.46 11.82
CA GLU A 211 6.61 34.13 10.80
C GLU A 211 7.37 34.05 9.49
N PHE A 212 6.69 33.58 8.45
CA PHE A 212 7.29 33.43 7.13
C PHE A 212 6.48 34.23 6.13
N LYS A 213 7.14 34.64 5.05
CA LYS A 213 6.46 35.32 3.97
C LYS A 213 6.20 34.22 2.95
N ALA A 214 5.05 34.26 2.29
CA ALA A 214 4.75 33.25 1.30
C ALA A 214 3.93 33.82 0.17
N ALA A 215 4.31 33.48 -1.05
CA ALA A 215 3.60 33.94 -2.23
C ALA A 215 2.32 33.15 -2.41
N VAL A 216 1.25 33.83 -2.78
CA VAL A 216 -0.02 33.18 -3.02
C VAL A 216 0.06 32.76 -4.49
N ALA A 217 0.07 31.46 -4.74
CA ALA A 217 0.20 30.95 -6.10
C ALA A 217 -0.76 29.82 -6.43
N LYS A 218 -0.86 29.52 -7.72
CA LYS A 218 -1.73 28.47 -8.20
C LYS A 218 -1.01 27.12 -8.22
N ALA A 219 0.21 27.13 -8.77
CA ALA A 219 1.00 25.90 -8.89
C ALA A 219 2.34 25.98 -8.18
N PHE A 220 2.86 24.82 -7.77
CA PHE A 220 4.13 24.75 -7.07
C PHE A 220 5.23 25.42 -7.89
N GLY A 221 5.21 25.16 -9.20
CA GLY A 221 6.21 25.71 -10.08
C GLY A 221 6.11 27.21 -10.33
N ASP A 222 5.16 27.88 -9.69
CA ASP A 222 5.00 29.32 -9.88
C ASP A 222 5.98 30.12 -9.05
N VAL A 223 6.75 29.43 -8.22
CA VAL A 223 7.77 30.08 -7.41
C VAL A 223 9.05 29.30 -7.67
N ASP A 224 10.19 29.87 -7.28
CA ASP A 224 11.44 29.18 -7.52
C ASP A 224 11.55 27.95 -6.64
N THR A 225 12.41 27.03 -7.04
CA THR A 225 12.62 25.80 -6.30
C THR A 225 12.97 26.13 -4.86
N GLY A 226 12.38 25.39 -3.92
CA GLY A 226 12.67 25.63 -2.51
C GLY A 226 11.93 26.76 -1.83
N GLU A 227 11.15 27.54 -2.58
CA GLU A 227 10.39 28.65 -2.01
C GLU A 227 9.00 28.24 -1.51
N LEU A 228 8.52 28.96 -0.50
CA LEU A 228 7.21 28.71 0.10
C LEU A 228 6.07 29.32 -0.73
N LEU A 229 4.91 28.67 -0.70
CA LEU A 229 3.75 29.17 -1.42
C LEU A 229 2.47 28.77 -0.69
N VAL A 230 1.44 29.60 -0.87
CA VAL A 230 0.14 29.34 -0.28
C VAL A 230 -0.78 29.12 -1.47
N HIS A 231 -1.55 28.03 -1.43
CA HIS A 231 -2.45 27.77 -2.54
C HIS A 231 -3.63 26.92 -2.08
N PRO A 232 -4.62 26.72 -2.97
CA PRO A 232 -5.77 25.90 -2.59
C PRO A 232 -5.45 24.45 -2.96
N ASP A 233 -5.54 23.53 -2.01
CA ASP A 233 -5.25 22.12 -2.33
C ASP A 233 -6.38 21.54 -3.17
N SER A 234 -6.28 20.25 -3.51
CA SER A 234 -7.28 19.61 -4.35
C SER A 234 -8.69 19.52 -3.78
N ALA A 235 -8.84 19.76 -2.49
CA ALA A 235 -10.16 19.69 -1.86
C ALA A 235 -10.72 21.07 -1.52
N GLY A 236 -10.05 22.11 -1.98
CA GLY A 236 -10.52 23.47 -1.72
C GLY A 236 -10.02 24.11 -0.43
N PHE A 237 -9.03 23.50 0.21
CA PHE A 237 -8.47 24.05 1.44
C PHE A 237 -7.15 24.77 1.24
N LEU A 238 -6.88 25.75 2.11
CA LEU A 238 -5.65 26.50 2.03
C LEU A 238 -4.51 25.58 2.46
N GLU A 239 -3.53 25.45 1.58
CA GLU A 239 -2.37 24.61 1.85
C GLU A 239 -1.07 25.39 1.69
N ILE A 240 -0.07 25.05 2.50
CA ILE A 240 1.22 25.71 2.41
C ILE A 240 2.18 24.66 1.88
N ALA A 241 2.90 24.99 0.82
CA ALA A 241 3.85 24.06 0.23
C ALA A 241 5.19 24.74 -0.08
N VAL A 242 6.22 23.94 -0.28
CA VAL A 242 7.53 24.43 -0.65
C VAL A 242 7.74 23.77 -2.02
N ASN A 243 8.00 24.58 -3.04
CA ASN A 243 8.20 24.04 -4.37
C ASN A 243 9.37 23.08 -4.40
N LEU A 244 9.08 21.81 -4.70
CA LEU A 244 10.10 20.77 -4.75
C LEU A 244 10.78 20.59 -3.40
N GLY A 245 10.04 20.89 -2.33
CA GLY A 245 10.56 20.75 -0.99
C GLY A 245 9.50 20.29 -0.01
N ASP A 246 9.83 20.32 1.28
CA ASP A 246 8.94 19.87 2.35
C ASP A 246 8.54 21.01 3.28
N ALA A 247 7.31 21.50 3.15
CA ALA A 247 6.81 22.60 3.97
C ALA A 247 6.71 22.26 5.46
N SER A 248 6.35 21.02 5.79
CA SER A 248 6.24 20.66 7.20
C SER A 248 7.60 20.78 7.88
N GLN A 249 8.67 20.52 7.14
CA GLN A 249 10.03 20.63 7.68
C GLN A 249 10.46 22.08 7.80
N VAL A 250 10.20 22.85 6.74
CA VAL A 250 10.57 24.27 6.72
C VAL A 250 9.85 25.05 7.81
N LEU A 251 8.55 24.81 7.95
CA LEU A 251 7.74 25.50 8.95
C LEU A 251 7.93 24.84 10.31
N SER A 252 8.39 23.59 10.30
CA SER A 252 8.59 22.83 11.53
C SER A 252 7.24 22.70 12.21
N VAL A 253 6.26 22.20 11.46
CA VAL A 253 4.92 22.04 11.97
C VAL A 253 4.40 20.62 11.83
N LYS A 254 3.40 20.29 12.63
CA LYS A 254 2.78 18.97 12.60
C LYS A 254 1.27 19.15 12.66
N GLU A 255 0.54 18.08 12.36
CA GLU A 255 -0.91 18.13 12.39
C GLU A 255 -1.42 18.55 13.76
N GLY A 256 -2.42 19.43 13.76
CA GLY A 256 -2.99 19.91 15.01
C GLY A 256 -2.49 21.28 15.41
N ASP A 257 -1.28 21.63 14.95
CA ASP A 257 -0.68 22.91 15.27
C ASP A 257 -1.49 24.10 14.76
N GLU A 258 -1.60 25.14 15.59
CA GLU A 258 -2.33 26.34 15.22
C GLU A 258 -1.56 27.06 14.14
N ILE A 259 -2.28 27.62 13.17
CA ILE A 259 -1.61 28.34 12.11
C ILE A 259 -2.38 29.61 11.78
N GLU A 260 -1.64 30.70 11.57
CA GLU A 260 -2.24 31.98 11.27
C GLU A 260 -1.69 32.52 9.96
N ILE A 261 -2.57 33.12 9.16
CA ILE A 261 -2.18 33.68 7.88
C ILE A 261 -2.66 35.13 7.79
N CYS A 262 -1.70 36.06 7.91
CA CYS A 262 -1.99 37.49 7.86
C CYS A 262 -1.90 38.08 6.46
N ARG A 263 -2.80 39.01 6.17
CA ARG A 263 -2.83 39.67 4.88
C ARG A 263 -1.57 40.53 4.78
N ILE B 2 -8.00 -15.33 -4.57
CA ILE B 2 -6.59 -15.59 -4.28
C ILE B 2 -6.05 -14.71 -3.15
N GLY B 3 -5.46 -15.34 -2.14
CA GLY B 3 -4.87 -14.60 -1.04
C GLY B 3 -3.40 -14.43 -1.41
N PHE B 4 -2.94 -13.19 -1.53
CA PHE B 4 -1.57 -12.87 -1.94
C PHE B 4 -0.66 -12.41 -0.77
N LEU B 5 0.41 -13.15 -0.52
CA LEU B 5 1.36 -12.86 0.57
C LEU B 5 2.82 -12.97 0.13
N THR B 6 3.58 -11.89 0.33
CA THR B 6 5.00 -11.89 -0.07
C THR B 6 5.84 -10.98 0.81
N ASP B 7 7.13 -10.95 0.52
CA ASP B 7 8.07 -10.08 1.21
C ASP B 7 8.62 -9.11 0.17
N TRP B 8 7.88 -8.91 -0.91
CA TRP B 8 8.34 -8.04 -2.00
C TRP B 8 8.16 -6.54 -1.76
N GLY B 9 7.26 -6.18 -0.85
CA GLY B 9 7.00 -4.77 -0.57
C GLY B 9 6.09 -4.16 -1.62
N LEU B 10 5.37 -3.10 -1.27
CA LEU B 10 4.47 -2.45 -2.21
C LEU B 10 5.19 -1.32 -2.94
N LYS B 11 6.42 -1.06 -2.55
CA LYS B 11 7.21 -0.01 -3.17
C LYS B 11 7.69 -0.42 -4.56
N SER B 12 8.04 -1.68 -4.73
CA SER B 12 8.54 -2.15 -6.01
C SER B 12 7.40 -2.51 -6.97
N HIS B 13 7.71 -2.62 -8.25
CA HIS B 13 6.71 -2.97 -9.24
C HIS B 13 6.48 -4.47 -9.34
N TYR B 14 7.18 -5.25 -8.52
CA TYR B 14 7.04 -6.70 -8.57
C TYR B 14 5.61 -7.17 -8.30
N VAL B 15 4.99 -6.63 -7.27
CA VAL B 15 3.63 -7.02 -6.94
C VAL B 15 2.71 -6.74 -8.14
N GLY B 16 2.87 -5.58 -8.74
CA GLY B 16 2.05 -5.20 -9.88
C GLY B 16 2.17 -6.12 -11.10
N VAL B 17 3.40 -6.47 -11.48
CA VAL B 17 3.56 -7.34 -12.64
C VAL B 17 3.04 -8.75 -12.34
N ALA B 18 3.15 -9.18 -11.09
CA ALA B 18 2.63 -10.49 -10.74
C ALA B 18 1.11 -10.47 -10.92
N LYS B 19 0.46 -9.39 -10.49
CA LYS B 19 -0.99 -9.29 -10.62
C LYS B 19 -1.40 -9.20 -12.09
N ALA B 20 -0.59 -8.53 -12.91
CA ALA B 20 -0.89 -8.40 -14.33
C ALA B 20 -0.89 -9.79 -14.95
N VAL B 21 0.05 -10.62 -14.52
CA VAL B 21 0.16 -11.98 -15.03
C VAL B 21 -1.06 -12.80 -14.67
N ILE B 22 -1.51 -12.68 -13.43
CA ILE B 22 -2.69 -13.41 -12.96
C ILE B 22 -3.91 -12.95 -13.77
N LYS B 23 -4.03 -11.64 -13.96
CA LYS B 23 -5.15 -11.06 -14.69
C LYS B 23 -5.16 -11.43 -16.18
N ARG B 24 -3.99 -11.64 -16.77
CA ARG B 24 -3.91 -12.01 -18.17
C ARG B 24 -4.39 -13.45 -18.32
N ILE B 25 -4.13 -14.27 -17.31
CA ILE B 25 -4.58 -15.65 -17.34
C ILE B 25 -6.07 -15.70 -17.04
N ASN B 26 -6.51 -14.91 -16.08
CA ASN B 26 -7.91 -14.86 -15.69
C ASN B 26 -8.31 -13.42 -15.33
N PRO B 27 -8.94 -12.71 -16.27
CA PRO B 27 -9.37 -11.33 -16.07
C PRO B 27 -10.35 -11.16 -14.92
N SER B 28 -11.06 -12.23 -14.57
CA SER B 28 -12.03 -12.19 -13.48
C SER B 28 -11.44 -12.59 -12.13
N ALA B 29 -10.15 -12.86 -12.09
CA ALA B 29 -9.50 -13.24 -10.84
C ALA B 29 -9.66 -12.17 -9.77
N GLU B 30 -10.05 -12.60 -8.57
CA GLU B 30 -10.22 -11.70 -7.43
C GLU B 30 -8.99 -11.84 -6.53
N ILE B 31 -8.11 -10.85 -6.59
CA ILE B 31 -6.88 -10.90 -5.79
C ILE B 31 -6.95 -10.05 -4.53
N ILE B 32 -6.79 -10.71 -3.37
CA ILE B 32 -6.82 -10.01 -2.10
C ILE B 32 -5.45 -10.08 -1.45
N ASP B 33 -4.82 -8.92 -1.27
CA ASP B 33 -3.51 -8.84 -0.65
C ASP B 33 -3.59 -9.10 0.84
N ILE B 34 -2.85 -10.08 1.32
CA ILE B 34 -2.82 -10.37 2.75
C ILE B 34 -1.82 -9.34 3.28
N THR B 35 -0.62 -9.37 2.72
CA THR B 35 0.44 -8.41 3.01
C THR B 35 1.64 -8.66 2.11
N HIS B 36 2.36 -7.58 1.79
CA HIS B 36 3.55 -7.69 0.97
C HIS B 36 4.69 -7.05 1.76
N GLU B 37 4.46 -6.84 3.05
CA GLU B 37 5.45 -6.23 3.91
C GLU B 37 6.10 -7.18 4.90
N VAL B 38 6.13 -8.47 4.57
CA VAL B 38 6.79 -9.42 5.44
C VAL B 38 8.27 -9.05 5.35
N GLU B 39 8.96 -9.03 6.48
CA GLU B 39 10.39 -8.70 6.49
C GLU B 39 11.06 -9.59 5.46
N PRO B 40 12.01 -9.02 4.69
CA PRO B 40 12.69 -9.81 3.67
C PRO B 40 13.19 -11.18 4.13
N PHE B 41 12.87 -12.20 3.34
CA PHE B 41 13.26 -13.58 3.59
C PHE B 41 12.74 -14.19 4.88
N ASN B 42 11.90 -13.48 5.62
CA ASN B 42 11.41 -14.02 6.89
C ASN B 42 10.28 -15.04 6.73
N VAL B 43 10.62 -16.28 6.38
CA VAL B 43 9.62 -17.31 6.19
C VAL B 43 8.84 -17.63 7.47
N ARG B 44 9.50 -17.52 8.62
CA ARG B 44 8.85 -17.81 9.90
C ARG B 44 7.68 -16.85 10.16
N LYS B 45 7.92 -15.56 9.96
CA LYS B 45 6.88 -14.57 10.16
C LYS B 45 5.75 -14.83 9.16
N ALA B 46 6.12 -15.06 7.91
CA ALA B 46 5.15 -15.32 6.86
C ALA B 46 4.25 -16.52 7.18
N SER B 47 4.83 -17.56 7.78
CA SER B 47 4.07 -18.76 8.10
C SER B 47 2.97 -18.48 9.11
N HIS B 48 3.24 -17.59 10.07
CA HIS B 48 2.24 -17.25 11.07
C HIS B 48 1.19 -16.30 10.49
N VAL B 49 1.62 -15.32 9.71
CA VAL B 49 0.67 -14.39 9.10
C VAL B 49 -0.28 -15.14 8.18
N LEU B 50 0.27 -16.05 7.38
CA LEU B 50 -0.52 -16.85 6.45
C LEU B 50 -1.66 -17.57 7.19
N TYR B 51 -1.30 -18.27 8.27
CA TYR B 51 -2.29 -19.01 9.03
C TYR B 51 -3.37 -18.11 9.63
N ARG B 52 -2.96 -17.03 10.30
CA ARG B 52 -3.93 -16.14 10.92
C ARG B 52 -4.88 -15.51 9.92
N ALA B 53 -4.35 -15.14 8.75
CA ALA B 53 -5.21 -14.55 7.73
C ALA B 53 -6.14 -15.59 7.10
N SER B 54 -5.61 -16.79 6.86
CA SER B 54 -6.37 -17.88 6.23
C SER B 54 -7.64 -18.26 7.00
N LEU B 55 -7.68 -17.96 8.29
CA LEU B 55 -8.85 -18.29 9.11
C LEU B 55 -10.08 -17.50 8.67
N ASP B 56 -9.87 -16.36 8.02
CA ASP B 56 -10.99 -15.54 7.59
C ASP B 56 -11.31 -15.62 6.10
N PHE B 57 -10.58 -16.49 5.40
CA PHE B 57 -10.80 -16.70 3.97
C PHE B 57 -11.66 -17.96 3.86
N PRO B 58 -12.55 -18.02 2.87
CA PRO B 58 -13.39 -19.20 2.72
C PRO B 58 -12.65 -20.43 2.20
N PRO B 59 -13.29 -21.61 2.26
CA PRO B 59 -12.65 -22.81 1.75
C PRO B 59 -12.56 -22.66 0.23
N SER B 60 -11.64 -23.39 -0.39
CA SER B 60 -11.42 -23.31 -1.83
C SER B 60 -10.62 -22.07 -2.21
N THR B 61 -10.13 -21.34 -1.21
CA THR B 61 -9.34 -20.16 -1.48
C THR B 61 -7.94 -20.62 -1.91
N VAL B 62 -7.38 -19.95 -2.90
CA VAL B 62 -6.04 -20.28 -3.36
C VAL B 62 -5.08 -19.21 -2.84
N PHE B 63 -4.09 -19.64 -2.06
CA PHE B 63 -3.12 -18.71 -1.51
C PHE B 63 -1.81 -18.72 -2.28
N LEU B 64 -1.39 -17.54 -2.72
CA LEU B 64 -0.13 -17.38 -3.45
C LEU B 64 0.82 -16.83 -2.39
N VAL B 65 1.70 -17.69 -1.90
CA VAL B 65 2.64 -17.34 -0.85
C VAL B 65 4.07 -17.35 -1.35
N VAL B 66 4.65 -16.17 -1.55
CA VAL B 66 6.01 -16.11 -2.03
C VAL B 66 7.03 -15.28 -1.24
N VAL B 67 7.72 -15.97 -0.34
CA VAL B 67 8.81 -15.44 0.49
C VAL B 67 9.76 -16.56 0.10
N ASP B 68 10.55 -16.29 -0.95
CA ASP B 68 11.41 -17.31 -1.55
C ASP B 68 12.88 -16.93 -1.73
N TYR B 69 13.62 -16.87 -0.62
CA TYR B 69 15.04 -16.53 -0.66
C TYR B 69 15.83 -17.54 -1.48
N GLY B 70 15.30 -18.76 -1.58
CA GLY B 70 15.97 -19.81 -2.33
C GLY B 70 15.51 -19.90 -3.77
N VAL B 71 14.92 -18.83 -4.28
CA VAL B 71 14.44 -18.81 -5.64
C VAL B 71 15.57 -19.19 -6.60
N GLY B 72 15.26 -19.99 -7.61
CA GLY B 72 16.28 -20.38 -8.57
C GLY B 72 17.17 -21.53 -8.15
N THR B 73 16.96 -22.08 -6.95
CA THR B 73 17.76 -23.20 -6.48
C THR B 73 16.99 -24.50 -6.66
N SER B 74 17.52 -25.58 -6.10
CA SER B 74 16.90 -26.90 -6.20
C SER B 74 15.69 -27.06 -5.27
N ARG B 75 15.38 -26.05 -4.47
CA ARG B 75 14.24 -26.11 -3.59
C ARG B 75 13.01 -26.36 -4.46
N LYS B 76 12.09 -27.19 -3.98
CA LYS B 76 10.90 -27.50 -4.77
C LYS B 76 9.83 -26.40 -4.72
N ALA B 77 9.07 -26.31 -5.81
CA ALA B 77 7.96 -25.36 -5.94
C ALA B 77 6.78 -26.31 -5.79
N ILE B 78 5.86 -26.01 -4.86
CA ILE B 78 4.75 -26.92 -4.62
C ILE B 78 3.38 -26.28 -4.44
N VAL B 79 2.37 -27.15 -4.46
CA VAL B 79 1.00 -26.77 -4.23
C VAL B 79 0.49 -27.72 -3.15
N LYS B 81 -2.69 -28.77 -0.51
CA LYS B 81 -4.10 -28.64 -0.17
C LYS B 81 -4.20 -29.10 1.28
N THR B 82 -4.90 -28.33 2.09
CA THR B 82 -5.07 -28.68 3.49
C THR B 82 -6.45 -29.28 3.68
N LYS B 83 -6.65 -29.96 4.80
CA LYS B 83 -7.93 -30.60 5.09
C LYS B 83 -9.10 -29.66 5.32
N ASN B 84 -8.82 -28.36 5.44
CA ASN B 84 -9.90 -27.39 5.61
C ASN B 84 -10.28 -26.85 4.22
N ASP B 85 -9.83 -27.58 3.20
CA ASP B 85 -10.11 -27.25 1.81
C ASP B 85 -9.53 -25.95 1.23
N GLN B 86 -8.34 -25.58 1.67
CA GLN B 86 -7.68 -24.40 1.12
C GLN B 86 -6.46 -24.88 0.37
N TYR B 87 -6.03 -24.10 -0.61
CA TYR B 87 -4.89 -24.44 -1.43
C TYR B 87 -3.78 -23.42 -1.24
N PHE B 88 -2.53 -23.88 -1.24
CA PHE B 88 -1.39 -23.00 -1.06
C PHE B 88 -0.32 -23.25 -2.11
N VAL B 89 0.03 -22.19 -2.85
CA VAL B 89 1.04 -22.24 -3.90
C VAL B 89 2.27 -21.56 -3.31
N ALA B 90 3.36 -22.32 -3.16
CA ALA B 90 4.54 -21.75 -2.55
C ALA B 90 5.80 -22.58 -2.68
N PRO B 91 6.94 -22.00 -2.29
CA PRO B 91 8.21 -22.72 -2.37
C PRO B 91 8.19 -23.70 -1.18
N ASP B 92 8.89 -24.82 -1.32
CA ASP B 92 8.95 -25.83 -0.27
C ASP B 92 10.09 -25.39 0.66
N ASN B 93 9.85 -24.37 1.48
CA ASN B 93 10.88 -23.87 2.38
C ASN B 93 10.38 -23.66 3.80
N GLY B 94 9.24 -24.27 4.11
CA GLY B 94 8.70 -24.14 5.46
C GLY B 94 7.67 -23.05 5.69
N VAL B 95 7.42 -22.22 4.69
CA VAL B 95 6.44 -21.15 4.87
C VAL B 95 5.03 -21.69 5.15
N LEU B 96 4.73 -22.90 4.66
CA LEU B 96 3.41 -23.51 4.88
C LEU B 96 3.35 -24.35 6.15
N THR B 97 4.39 -24.28 6.98
CA THR B 97 4.44 -25.07 8.21
C THR B 97 3.23 -24.93 9.11
N VAL B 98 2.84 -23.70 9.42
CA VAL B 98 1.72 -23.47 10.31
C VAL B 98 0.36 -23.92 9.78
N VAL B 99 0.03 -23.60 8.52
CA VAL B 99 -1.26 -24.03 7.98
C VAL B 99 -1.30 -25.56 7.90
N ALA B 100 -0.17 -26.17 7.53
CA ALA B 100 -0.08 -27.63 7.44
C ALA B 100 -0.38 -28.28 8.79
N GLU B 101 0.25 -27.78 9.85
CA GLU B 101 0.07 -28.34 11.19
C GLU B 101 -1.32 -28.07 11.78
N GLU B 102 -1.83 -26.86 11.60
CA GLU B 102 -3.14 -26.49 12.14
C GLU B 102 -4.31 -27.09 11.37
N TYR B 103 -4.20 -27.13 10.05
CA TYR B 103 -5.29 -27.66 9.24
C TYR B 103 -5.09 -29.13 8.84
N GLY B 104 -3.84 -29.55 8.72
CA GLY B 104 -3.58 -30.92 8.30
C GLY B 104 -3.43 -30.93 6.80
N VAL B 105 -2.57 -31.81 6.30
CA VAL B 105 -2.32 -31.89 4.87
C VAL B 105 -3.17 -32.92 4.16
N ALA B 106 -3.82 -32.51 3.07
CA ALA B 106 -4.66 -33.40 2.29
C ALA B 106 -3.83 -33.98 1.16
N GLU B 107 -3.00 -33.14 0.54
CA GLU B 107 -2.15 -33.57 -0.56
C GLU B 107 -1.15 -32.50 -0.96
N ILE B 108 -0.03 -32.93 -1.54
CA ILE B 108 1.00 -32.01 -2.00
C ILE B 108 1.43 -32.44 -3.41
N ARG B 109 1.58 -31.47 -4.30
CA ARG B 109 1.99 -31.72 -5.68
C ARG B 109 3.20 -30.85 -5.99
N GLU B 110 4.16 -31.39 -6.74
CA GLU B 110 5.30 -30.60 -7.12
C GLU B 110 4.85 -29.93 -8.41
N ILE B 111 5.21 -28.68 -8.61
CA ILE B 111 4.82 -27.97 -9.82
C ILE B 111 5.74 -28.45 -10.94
N GLU B 112 5.18 -29.28 -11.83
CA GLU B 112 5.97 -29.83 -12.93
C GLU B 112 5.35 -29.56 -14.30
N ASN B 113 4.07 -29.23 -14.32
CA ASN B 113 3.38 -28.95 -15.57
C ASN B 113 3.78 -27.57 -16.08
N ARG B 114 4.79 -27.52 -16.94
CA ARG B 114 5.28 -26.26 -17.47
C ARG B 114 4.28 -25.48 -18.30
N GLU B 115 3.20 -26.13 -18.74
CA GLU B 115 2.20 -25.45 -19.54
C GLU B 115 1.44 -24.46 -18.67
N LEU B 116 1.68 -24.52 -17.37
CA LEU B 116 1.01 -23.63 -16.42
C LEU B 116 1.84 -22.37 -16.16
N PHE B 117 3.05 -22.35 -16.72
CA PHE B 117 3.95 -21.21 -16.54
C PHE B 117 3.58 -19.96 -17.34
N TYR B 118 4.20 -18.83 -16.96
CA TYR B 118 3.96 -17.56 -17.62
C TYR B 118 4.79 -17.51 -18.91
N LYS B 119 6.01 -18.03 -18.84
CA LYS B 119 6.89 -18.06 -20.00
C LYS B 119 7.62 -19.39 -20.02
N LYS B 120 8.06 -19.81 -21.21
CA LYS B 120 8.77 -21.07 -21.37
C LYS B 120 10.02 -21.16 -20.50
N ASN B 121 10.78 -20.08 -20.46
CA ASN B 121 12.02 -20.04 -19.69
C ASN B 121 11.92 -19.05 -18.51
N PRO B 122 11.52 -19.54 -17.33
CA PRO B 122 11.39 -18.71 -16.13
C PRO B 122 12.68 -17.98 -15.73
N SER B 123 12.52 -16.77 -15.19
CA SER B 123 13.67 -15.99 -14.73
C SER B 123 14.32 -16.82 -13.62
N PHE B 124 15.57 -16.54 -13.30
CA PHE B 124 16.27 -17.27 -12.25
C PHE B 124 15.87 -16.81 -10.86
N THR B 125 15.44 -15.57 -10.74
CA THR B 125 15.09 -15.02 -9.44
C THR B 125 13.69 -14.43 -9.27
N PHE B 126 12.77 -14.75 -10.16
CA PHE B 126 11.40 -14.24 -10.01
C PHE B 126 10.38 -15.31 -10.38
N HIS B 127 10.44 -16.45 -9.69
CA HIS B 127 9.50 -17.55 -9.91
C HIS B 127 8.11 -17.11 -9.45
N GLY B 128 8.06 -16.08 -8.62
CA GLY B 128 6.78 -15.58 -8.15
C GLY B 128 5.93 -15.18 -9.35
N ARG B 129 6.58 -14.53 -10.31
CA ARG B 129 5.91 -14.07 -11.52
C ARG B 129 5.79 -15.15 -12.59
N ASP B 130 6.87 -15.87 -12.83
CA ASP B 130 6.87 -16.86 -13.89
C ASP B 130 6.32 -18.25 -13.60
N ILE B 131 6.24 -18.60 -12.33
CA ILE B 131 5.75 -19.92 -11.95
C ILE B 131 4.61 -19.92 -10.93
N PHE B 132 4.84 -19.38 -9.74
CA PHE B 132 3.82 -19.38 -8.72
C PHE B 132 2.54 -18.63 -9.07
N ALA B 133 2.67 -17.39 -9.53
CA ALA B 133 1.50 -16.58 -9.90
C ALA B 133 0.60 -17.25 -10.94
N PRO B 134 1.16 -17.65 -12.09
CA PRO B 134 0.29 -18.28 -13.09
C PRO B 134 -0.36 -19.59 -12.60
N VAL B 135 0.37 -20.36 -11.81
CA VAL B 135 -0.16 -21.61 -11.28
C VAL B 135 -1.34 -21.34 -10.35
N ALA B 136 -1.21 -20.32 -9.50
CA ALA B 136 -2.27 -19.95 -8.59
C ALA B 136 -3.48 -19.48 -9.40
N ALA B 137 -3.22 -18.73 -10.47
CA ALA B 137 -4.29 -18.23 -11.33
C ALA B 137 -5.07 -19.39 -11.95
N HIS B 138 -4.35 -20.39 -12.45
CA HIS B 138 -4.98 -21.56 -13.06
C HIS B 138 -5.80 -22.34 -12.03
N LEU B 139 -5.20 -22.63 -10.88
CA LEU B 139 -5.91 -23.36 -9.83
C LEU B 139 -7.19 -22.62 -9.46
N ASP B 140 -7.09 -21.30 -9.35
CA ASP B 140 -8.25 -20.47 -9.02
C ASP B 140 -9.31 -20.54 -10.12
N GLY B 142 -10.06 -23.36 -11.60
CA GLY B 142 -10.64 -24.69 -11.57
C GLY B 142 -9.70 -25.80 -11.99
N LEU B 143 -8.44 -25.47 -12.30
CA LEU B 143 -7.49 -26.48 -12.72
C LEU B 143 -7.39 -27.60 -11.67
N PRO B 144 -7.59 -28.85 -12.10
CA PRO B 144 -7.52 -29.99 -11.17
C PRO B 144 -6.12 -30.08 -10.57
N LEU B 145 -6.07 -30.47 -9.30
CA LEU B 145 -4.81 -30.61 -8.59
C LEU B 145 -3.88 -31.63 -9.23
N GLU B 146 -4.44 -32.74 -9.72
CA GLU B 146 -3.62 -33.77 -10.33
C GLU B 146 -2.95 -33.31 -11.63
N ARG B 147 -3.33 -32.14 -12.12
CA ARG B 147 -2.76 -31.60 -13.35
C ARG B 147 -1.55 -30.69 -13.10
N VAL B 148 -1.23 -30.49 -11.83
CA VAL B 148 -0.10 -29.64 -11.46
C VAL B 148 1.23 -30.39 -11.58
N GLY B 149 1.24 -31.64 -11.16
CA GLY B 149 2.43 -32.46 -11.20
C GLY B 149 2.24 -33.71 -10.36
N ASP B 150 3.33 -34.37 -10.01
CA ASP B 150 3.24 -35.58 -9.18
C ASP B 150 3.07 -35.26 -7.71
N ARG B 151 2.61 -36.25 -6.95
CA ARG B 151 2.40 -36.10 -5.52
C ARG B 151 3.74 -36.11 -4.79
N LEU B 152 3.79 -35.39 -3.67
CA LEU B 152 4.98 -35.35 -2.83
C LEU B 152 4.48 -35.88 -1.49
N LEU B 153 5.29 -36.69 -0.81
CA LEU B 153 4.86 -37.26 0.46
C LEU B 153 5.49 -36.62 1.69
N SER B 154 6.23 -35.54 1.47
CA SER B 154 6.87 -34.80 2.56
C SER B 154 7.08 -33.37 2.12
N TYR B 155 7.43 -32.50 3.07
CA TYR B 155 7.67 -31.10 2.79
C TYR B 155 8.54 -30.53 3.91
N GLU B 156 9.31 -29.50 3.60
CA GLU B 156 10.19 -28.88 4.57
C GLU B 156 9.37 -28.28 5.71
N VAL B 157 9.78 -28.56 6.94
CA VAL B 157 9.09 -28.06 8.13
C VAL B 157 9.96 -27.14 8.96
N LEU B 158 9.41 -25.99 9.36
CA LEU B 158 10.14 -25.05 10.21
C LEU B 158 9.93 -25.50 11.64
N LYS B 159 10.98 -26.00 12.28
CA LYS B 159 10.87 -26.44 13.66
C LYS B 159 10.43 -25.27 14.52
N ARG B 161 9.08 -24.10 18.69
CA ARG B 161 8.85 -24.43 20.09
C ARG B 161 7.37 -24.21 20.38
N LYS B 162 6.70 -25.26 20.87
CA LYS B 162 5.29 -25.19 21.20
C LYS B 162 5.07 -24.56 22.56
N PRO B 163 4.09 -23.65 22.67
CA PRO B 163 3.82 -23.00 23.95
C PRO B 163 3.25 -24.01 24.95
N VAL B 164 3.33 -23.71 26.23
CA VAL B 164 2.82 -24.62 27.24
C VAL B 164 2.15 -23.91 28.43
N VAL B 165 1.92 -24.68 29.48
CA VAL B 165 1.30 -24.19 30.71
C VAL B 165 1.90 -24.93 31.90
N GLU B 166 2.46 -24.19 32.86
CA GLU B 166 3.04 -24.81 34.03
C GLU B 166 3.08 -23.90 35.26
N LYS B 169 1.24 -20.49 35.36
CA LYS B 169 1.99 -19.65 34.37
C LYS B 169 2.22 -20.37 33.03
N VAL B 170 1.99 -19.65 31.94
CA VAL B 170 2.16 -20.19 30.60
C VAL B 170 3.34 -19.52 29.90
N ILE B 171 3.93 -20.22 28.93
CA ILE B 171 5.06 -19.67 28.20
C ILE B 171 4.87 -19.84 26.69
N GLY B 172 5.44 -18.92 25.94
CA GLY B 172 5.34 -18.97 24.49
C GLY B 172 6.31 -17.99 23.87
N GLU B 173 6.02 -17.55 22.65
CA GLU B 173 6.87 -16.60 21.95
C GLU B 173 6.04 -15.55 21.21
N VAL B 174 6.65 -14.40 20.98
CA VAL B 174 5.99 -13.33 20.23
C VAL B 174 5.97 -13.79 18.77
N ALA B 175 4.78 -13.90 18.20
CA ALA B 175 4.66 -14.33 16.80
C ALA B 175 4.60 -13.13 15.87
N ILE B 176 3.79 -12.13 16.23
CA ILE B 176 3.64 -10.95 15.39
C ILE B 176 3.44 -9.66 16.19
N VAL B 177 4.08 -8.60 15.73
CA VAL B 177 3.96 -7.28 16.32
C VAL B 177 3.30 -6.49 15.18
N ASP B 178 2.09 -5.99 15.41
CA ASP B 178 1.39 -5.26 14.36
C ASP B 178 1.73 -3.78 14.30
N THR B 179 1.05 -3.04 13.43
CA THR B 179 1.32 -1.62 13.27
C THR B 179 1.10 -0.80 14.52
N PHE B 180 0.20 -1.25 15.39
CA PHE B 180 -0.06 -0.52 16.64
C PHE B 180 1.00 -0.83 17.70
N GLY B 181 1.77 -1.88 17.47
CA GLY B 181 2.79 -2.25 18.43
C GLY B 181 2.24 -3.32 19.36
N ASN B 182 1.03 -3.81 19.05
CA ASN B 182 0.43 -4.85 19.88
C ASN B 182 1.31 -6.07 19.69
N VAL B 183 1.48 -6.84 20.77
CA VAL B 183 2.34 -8.02 20.73
C VAL B 183 1.53 -9.31 20.77
N SER B 184 1.38 -9.94 19.62
CA SER B 184 0.61 -11.19 19.59
C SER B 184 1.52 -12.39 19.74
N THR B 185 1.14 -13.33 20.61
CA THR B 185 1.94 -14.52 20.86
C THR B 185 1.38 -15.74 20.15
N ASN B 186 2.03 -16.89 20.38
CA ASN B 186 1.61 -18.14 19.77
C ASN B 186 0.79 -18.94 20.79
N ILE B 187 0.41 -18.27 21.86
CA ILE B 187 -0.38 -18.88 22.93
C ILE B 187 -1.88 -18.72 22.68
N PRO B 188 -2.60 -19.83 22.46
CA PRO B 188 -4.05 -19.74 22.23
C PRO B 188 -4.71 -19.21 23.49
N PHE B 189 -5.52 -18.17 23.36
CA PHE B 189 -6.17 -17.60 24.53
C PHE B 189 -7.06 -18.59 25.26
N ASP B 190 -7.47 -19.66 24.56
CA ASP B 190 -8.30 -20.70 25.19
C ASP B 190 -7.50 -21.41 26.26
N LEU B 191 -6.30 -21.85 25.89
CA LEU B 191 -5.41 -22.53 26.82
C LEU B 191 -5.28 -21.67 28.07
N PHE B 192 -4.96 -20.40 27.85
CA PHE B 192 -4.79 -19.44 28.93
C PHE B 192 -5.99 -19.39 29.86
N LEU B 193 -7.19 -19.39 29.30
CA LEU B 193 -8.41 -19.35 30.10
C LEU B 193 -8.60 -20.72 30.77
N VAL B 197 -7.47 -18.46 35.80
CA VAL B 197 -7.51 -17.00 35.53
C VAL B 197 -8.81 -16.58 34.83
N ASP B 198 -9.16 -15.32 34.97
CA ASP B 198 -10.37 -14.78 34.37
C ASP B 198 -10.24 -13.28 34.13
N PHE B 199 -11.06 -12.76 33.23
CA PHE B 199 -11.03 -11.33 32.91
C PHE B 199 -11.10 -10.50 34.20
N ASP B 200 -10.35 -9.39 34.19
CA ASP B 200 -10.26 -8.46 35.32
C ASP B 200 -9.13 -8.79 36.29
N ASP B 201 -8.62 -10.01 36.24
CA ASP B 201 -7.52 -10.37 37.11
C ASP B 201 -6.27 -9.68 36.58
N VAL B 202 -5.31 -9.42 37.47
CA VAL B 202 -4.06 -8.80 37.06
C VAL B 202 -3.02 -9.91 37.04
N VAL B 203 -2.32 -10.04 35.91
CA VAL B 203 -1.29 -11.06 35.78
C VAL B 203 0.08 -10.42 35.62
N ARG B 204 1.12 -11.25 35.59
CA ARG B 204 2.47 -10.76 35.43
C ARG B 204 3.02 -11.19 34.07
N VAL B 205 3.60 -10.24 33.36
CA VAL B 205 4.17 -10.50 32.04
C VAL B 205 5.69 -10.43 32.12
N ARG B 206 6.33 -11.57 31.87
CA ARG B 206 7.77 -11.68 31.91
C ARG B 206 8.37 -11.71 30.50
N VAL B 207 9.29 -10.79 30.23
CA VAL B 207 9.96 -10.71 28.93
C VAL B 207 11.46 -10.72 29.19
N GLY B 208 11.97 -11.88 29.59
CA GLY B 208 13.39 -12.00 29.88
C GLY B 208 13.68 -11.64 31.33
N ARG B 209 14.38 -10.53 31.53
CA ARG B 209 14.75 -10.08 32.87
C ARG B 209 13.76 -9.11 33.51
N LYS B 210 12.89 -8.51 32.71
CA LYS B 210 11.93 -7.56 33.25
C LYS B 210 10.52 -8.11 33.38
N GLU B 211 9.82 -7.63 34.39
CA GLU B 211 8.45 -8.05 34.65
C GLU B 211 7.50 -6.85 34.65
N PHE B 212 6.31 -7.07 34.13
CA PHE B 212 5.29 -6.03 34.04
C PHE B 212 3.97 -6.60 34.59
N LYS B 213 3.10 -5.73 35.07
CA LYS B 213 1.80 -6.14 35.57
C LYS B 213 0.82 -5.78 34.45
N ALA B 214 -0.18 -6.63 34.21
CA ALA B 214 -1.14 -6.36 33.16
C ALA B 214 -2.53 -6.88 33.50
N ALA B 215 -3.56 -6.16 33.09
CA ALA B 215 -4.92 -6.57 33.35
C ALA B 215 -5.44 -7.46 32.23
N VAL B 216 -6.15 -8.53 32.59
CA VAL B 216 -6.72 -9.42 31.60
C VAL B 216 -8.04 -8.74 31.25
N ALA B 217 -8.14 -8.25 30.02
CA ALA B 217 -9.34 -7.54 29.60
C ALA B 217 -9.89 -7.99 28.25
N LYS B 218 -11.04 -7.44 27.90
CA LYS B 218 -11.68 -7.77 26.63
C LYS B 218 -11.42 -6.67 25.62
N ALA B 219 -11.48 -5.41 26.07
CA ALA B 219 -11.26 -4.26 25.19
C ALA B 219 -10.08 -3.41 25.65
N PHE B 220 -9.36 -2.81 24.70
CA PHE B 220 -8.22 -1.94 25.03
C PHE B 220 -8.69 -0.91 26.04
N GLY B 221 -9.89 -0.38 25.80
CA GLY B 221 -10.45 0.64 26.67
C GLY B 221 -10.89 0.20 28.05
N ASP B 222 -10.73 -1.07 28.37
CA ASP B 222 -11.11 -1.55 29.69
C ASP B 222 -10.09 -1.16 30.75
N VAL B 223 -8.95 -0.65 30.31
CA VAL B 223 -7.90 -0.18 31.23
C VAL B 223 -7.68 1.30 30.93
N ASP B 224 -6.94 1.99 31.78
CA ASP B 224 -6.69 3.41 31.55
C ASP B 224 -5.69 3.60 30.42
N THR B 225 -5.68 4.80 29.85
CA THR B 225 -4.76 5.13 28.77
C THR B 225 -3.33 4.83 29.18
N GLY B 226 -2.58 4.18 28.30
CA GLY B 226 -1.20 3.87 28.60
C GLY B 226 -0.95 2.65 29.44
N GLU B 227 -2.01 1.97 29.88
CA GLU B 227 -1.84 0.78 30.70
C GLU B 227 -1.76 -0.48 29.85
N LEU B 228 -1.16 -1.53 30.42
CA LEU B 228 -0.99 -2.81 29.75
C LEU B 228 -2.16 -3.75 29.98
N LEU B 229 -2.52 -4.51 28.96
CA LEU B 229 -3.59 -5.48 29.07
C LEU B 229 -3.22 -6.74 28.30
N VAL B 230 -3.81 -7.85 28.71
CA VAL B 230 -3.61 -9.15 28.08
C VAL B 230 -5.01 -9.53 27.61
N HIS B 231 -5.15 -9.87 26.34
CA HIS B 231 -6.46 -10.21 25.80
C HIS B 231 -6.35 -11.11 24.58
N PRO B 232 -7.48 -11.63 24.08
CA PRO B 232 -7.42 -12.49 22.90
C PRO B 232 -7.48 -11.60 21.65
N ASP B 233 -6.57 -11.81 20.70
CA ASP B 233 -6.64 -11.01 19.50
C ASP B 233 -7.70 -11.59 18.57
N SER B 234 -7.90 -10.95 17.42
CA SER B 234 -8.93 -11.38 16.47
C SER B 234 -8.76 -12.76 15.87
N ALA B 235 -7.69 -13.46 16.22
CA ALA B 235 -7.46 -14.81 15.72
C ALA B 235 -7.52 -15.82 16.87
N GLY B 236 -7.73 -15.32 18.08
CA GLY B 236 -7.82 -16.20 19.24
C GLY B 236 -6.52 -16.38 20.01
N PHE B 237 -5.48 -15.65 19.63
CA PHE B 237 -4.20 -15.76 20.33
C PHE B 237 -4.07 -14.70 21.42
N LEU B 238 -3.40 -15.07 22.51
CA LEU B 238 -3.18 -14.14 23.62
C LEU B 238 -2.27 -13.02 23.09
N GLU B 239 -2.71 -11.78 23.26
CA GLU B 239 -1.94 -10.64 22.79
C GLU B 239 -1.74 -9.63 23.91
N ILE B 240 -0.58 -8.99 23.94
CA ILE B 240 -0.30 -7.97 24.94
C ILE B 240 -0.38 -6.62 24.23
N ALA B 241 -1.12 -5.69 24.82
CA ALA B 241 -1.26 -4.37 24.23
C ALA B 241 -1.24 -3.28 25.27
N VAL B 242 -0.93 -2.07 24.81
CA VAL B 242 -0.96 -0.91 25.69
C VAL B 242 -2.15 -0.13 25.14
N ASN B 243 -3.08 0.21 26.01
CA ASN B 243 -4.25 0.96 25.58
C ASN B 243 -3.81 2.31 25.04
N LEU B 244 -4.07 2.54 23.77
CA LEU B 244 -3.69 3.79 23.12
C LEU B 244 -2.17 3.96 23.12
N GLY B 245 -1.46 2.84 23.15
CA GLY B 245 -0.01 2.89 23.16
C GLY B 245 0.64 1.79 22.33
N ASP B 246 1.95 1.63 22.51
CA ASP B 246 2.75 0.64 21.77
C ASP B 246 3.41 -0.37 22.72
N ALA B 247 2.80 -1.54 22.88
CA ALA B 247 3.36 -2.56 23.77
C ALA B 247 4.74 -3.04 23.37
N SER B 248 5.00 -3.17 22.07
CA SER B 248 6.31 -3.64 21.61
C SER B 248 7.41 -2.69 22.11
N GLN B 249 7.10 -1.39 22.16
CA GLN B 249 8.06 -0.39 22.64
C GLN B 249 8.18 -0.44 24.15
N VAL B 250 7.03 -0.46 24.83
CA VAL B 250 6.98 -0.51 26.29
C VAL B 250 7.65 -1.76 26.84
N LEU B 251 7.39 -2.90 26.22
CA LEU B 251 7.96 -4.17 26.65
C LEU B 251 9.36 -4.34 26.07
N SER B 252 9.68 -3.53 25.07
CA SER B 252 10.98 -3.60 24.41
C SER B 252 11.20 -5.04 23.91
N VAL B 253 10.21 -5.55 23.19
CA VAL B 253 10.27 -6.91 22.66
C VAL B 253 10.12 -6.92 21.15
N LYS B 254 10.56 -8.01 20.53
CA LYS B 254 10.48 -8.18 19.09
C LYS B 254 9.99 -9.59 18.81
N GLU B 255 9.59 -9.84 17.59
CA GLU B 255 9.08 -11.14 17.19
C GLU B 255 10.16 -12.21 17.42
N GLY B 256 9.73 -13.35 17.96
CA GLY B 256 10.66 -14.42 18.24
C GLY B 256 11.06 -14.46 19.70
N ASP B 257 10.89 -13.32 20.39
CA ASP B 257 11.23 -13.23 21.81
C ASP B 257 10.35 -14.08 22.71
N GLU B 258 10.97 -14.72 23.69
CA GLU B 258 10.24 -15.57 24.62
C GLU B 258 9.37 -14.72 25.53
N ILE B 259 8.16 -15.19 25.80
CA ILE B 259 7.24 -14.45 26.65
C ILE B 259 6.64 -15.39 27.67
N GLU B 260 6.53 -14.91 28.91
CA GLU B 260 5.97 -15.72 29.98
C GLU B 260 4.88 -14.93 30.70
N ILE B 261 3.87 -15.64 31.16
CA ILE B 261 2.78 -15.00 31.88
C ILE B 261 2.46 -15.81 33.14
N CYS B 262 2.58 -15.15 34.29
CA CYS B 262 2.33 -15.80 35.57
C CYS B 262 1.11 -15.24 36.27
N ARG B 263 0.41 -16.11 37.00
CA ARG B 263 -0.77 -15.70 37.76
C ARG B 263 -0.38 -14.65 38.80
N ILE C 2 -5.45 -0.79 -16.93
CA ILE C 2 -4.69 0.41 -16.65
C ILE C 2 -3.54 0.19 -15.65
N GLY C 3 -2.34 0.56 -16.06
CA GLY C 3 -1.16 0.44 -15.20
C GLY C 3 -1.02 1.80 -14.53
N PHE C 4 -1.00 1.83 -13.21
CA PHE C 4 -0.95 3.08 -12.45
C PHE C 4 0.39 3.24 -11.74
N LEU C 5 1.06 4.36 -12.00
CA LEU C 5 2.37 4.64 -11.43
C LEU C 5 2.49 6.11 -11.01
N THR C 6 2.78 6.35 -9.73
CA THR C 6 2.91 7.72 -9.21
C THR C 6 3.92 7.84 -8.08
N ASP C 7 4.08 9.09 -7.61
CA ASP C 7 4.98 9.38 -6.50
C ASP C 7 4.12 9.91 -5.35
N TRP C 8 2.82 9.62 -5.41
CA TRP C 8 1.88 10.09 -4.41
C TRP C 8 1.92 9.41 -3.04
N GLY C 9 2.39 8.15 -3.00
CA GLY C 9 2.41 7.41 -1.75
C GLY C 9 1.04 6.81 -1.51
N LEU C 10 0.96 5.71 -0.75
CA LEU C 10 -0.31 5.06 -0.46
C LEU C 10 -0.89 5.58 0.85
N LYS C 11 -0.09 6.38 1.56
CA LYS C 11 -0.54 6.93 2.83
C LYS C 11 -1.60 8.00 2.65
N SER C 12 -1.48 8.80 1.60
CA SER C 12 -2.47 9.85 1.36
C SER C 12 -3.69 9.29 0.65
N HIS C 13 -4.77 10.05 0.65
CA HIS C 13 -6.00 9.62 0.01
C HIS C 13 -5.98 9.88 -1.49
N TYR C 14 -4.89 10.48 -1.98
CA TYR C 14 -4.75 10.82 -3.39
C TYR C 14 -4.97 9.65 -4.35
N VAL C 15 -4.34 8.53 -4.07
CA VAL C 15 -4.47 7.39 -4.94
C VAL C 15 -5.92 6.90 -5.01
N GLY C 16 -6.60 6.90 -3.87
CA GLY C 16 -7.97 6.44 -3.83
C GLY C 16 -8.97 7.30 -4.59
N VAL C 17 -8.87 8.63 -4.46
CA VAL C 17 -9.81 9.48 -5.18
C VAL C 17 -9.55 9.41 -6.68
N ALA C 18 -8.32 9.09 -7.06
CA ALA C 18 -7.98 8.97 -8.48
C ALA C 18 -8.66 7.72 -9.02
N LYS C 19 -8.59 6.63 -8.27
CA LYS C 19 -9.23 5.38 -8.67
C LYS C 19 -10.75 5.54 -8.69
N ALA C 20 -11.28 6.33 -7.76
CA ALA C 20 -12.71 6.57 -7.68
C ALA C 20 -13.18 7.27 -8.95
N VAL C 21 -12.43 8.29 -9.37
CA VAL C 21 -12.76 9.02 -10.59
C VAL C 21 -12.75 8.08 -11.78
N ILE C 22 -11.72 7.23 -11.86
CA ILE C 22 -11.62 6.27 -12.95
C ILE C 22 -12.83 5.35 -12.94
N LYS C 23 -13.14 4.82 -11.76
CA LYS C 23 -14.28 3.92 -11.60
C LYS C 23 -15.61 4.59 -11.92
N ARG C 24 -15.67 5.91 -11.77
CA ARG C 24 -16.88 6.65 -12.08
C ARG C 24 -17.03 6.77 -13.59
N ILE C 25 -15.91 6.92 -14.29
CA ILE C 25 -15.95 7.01 -15.76
C ILE C 25 -16.22 5.60 -16.29
N ASN C 26 -15.53 4.60 -15.74
CA ASN C 26 -15.71 3.21 -16.16
C ASN C 26 -15.72 2.25 -14.98
N PRO C 27 -16.93 1.84 -14.54
CA PRO C 27 -17.10 0.92 -13.41
C PRO C 27 -16.38 -0.42 -13.54
N SER C 28 -16.05 -0.83 -14.75
CA SER C 28 -15.36 -2.10 -14.94
C SER C 28 -13.90 -1.92 -15.32
N ALA C 29 -13.34 -0.74 -15.07
CA ALA C 29 -11.94 -0.50 -15.36
C ALA C 29 -11.12 -1.39 -14.42
N GLU C 30 -10.09 -2.02 -14.97
CA GLU C 30 -9.21 -2.86 -14.18
C GLU C 30 -7.94 -2.04 -13.94
N ILE C 31 -7.72 -1.66 -12.68
CA ILE C 31 -6.57 -0.84 -12.33
C ILE C 31 -5.52 -1.64 -11.57
N ILE C 32 -4.33 -1.75 -12.16
CA ILE C 32 -3.24 -2.46 -11.51
C ILE C 32 -2.16 -1.45 -11.13
N ASP C 33 -1.89 -1.36 -9.84
CA ASP C 33 -0.87 -0.44 -9.33
C ASP C 33 0.53 -0.99 -9.61
N ILE C 34 1.32 -0.21 -10.34
CA ILE C 34 2.70 -0.61 -10.60
C ILE C 34 3.41 -0.24 -9.31
N THR C 35 3.30 1.02 -8.91
CA THR C 35 3.83 1.51 -7.64
C THR C 35 3.47 2.97 -7.44
N HIS C 36 3.28 3.37 -6.19
CA HIS C 36 2.94 4.74 -5.87
C HIS C 36 3.99 5.27 -4.92
N GLU C 37 5.07 4.52 -4.77
CA GLU C 37 6.13 4.92 -3.86
C GLU C 37 7.37 5.43 -4.56
N VAL C 38 7.21 5.97 -5.76
CA VAL C 38 8.37 6.54 -6.44
C VAL C 38 8.74 7.73 -5.54
N GLU C 39 10.02 7.94 -5.33
CA GLU C 39 10.44 9.05 -4.49
C GLU C 39 9.85 10.32 -5.10
N PRO C 40 9.40 11.25 -4.24
CA PRO C 40 8.81 12.50 -4.73
C PRO C 40 9.58 13.18 -5.87
N PHE C 41 8.87 13.53 -6.93
CA PHE C 41 9.45 14.22 -8.11
C PHE C 41 10.50 13.47 -8.91
N ASN C 42 10.86 12.27 -8.50
CA ASN C 42 11.89 11.52 -9.22
C ASN C 42 11.45 10.90 -10.54
N VAL C 43 11.33 11.73 -11.58
CA VAL C 43 10.92 11.25 -12.89
C VAL C 43 11.88 10.24 -13.50
N ARG C 44 13.17 10.37 -13.21
CA ARG C 44 14.16 9.44 -13.75
C ARG C 44 13.91 8.01 -13.25
N LYS C 45 13.67 7.89 -11.94
CA LYS C 45 13.39 6.59 -11.35
C LYS C 45 12.12 6.00 -11.98
N ALA C 46 11.09 6.84 -12.06
CA ALA C 46 9.82 6.43 -12.62
C ALA C 46 9.96 5.98 -14.08
N SER C 47 10.82 6.64 -14.86
CA SER C 47 10.98 6.28 -16.27
C SER C 47 11.50 4.85 -16.41
N HIS C 48 12.36 4.43 -15.49
CA HIS C 48 12.89 3.07 -15.52
C HIS C 48 11.87 2.04 -15.01
N VAL C 49 11.27 2.33 -13.86
CA VAL C 49 10.27 1.43 -13.30
C VAL C 49 9.15 1.19 -14.31
N LEU C 50 8.71 2.26 -14.97
CA LEU C 50 7.65 2.18 -15.96
C LEU C 50 7.98 1.19 -17.07
N TYR C 51 9.16 1.34 -17.67
CA TYR C 51 9.58 0.45 -18.74
C TYR C 51 9.65 -1.00 -18.30
N ARG C 52 10.36 -1.27 -17.22
CA ARG C 52 10.50 -2.63 -16.76
C ARG C 52 9.16 -3.28 -16.41
N ALA C 53 8.22 -2.50 -15.89
CA ALA C 53 6.90 -3.03 -15.56
C ALA C 53 6.12 -3.29 -16.84
N SER C 54 6.20 -2.35 -17.78
CA SER C 54 5.47 -2.46 -19.04
C SER C 54 5.76 -3.74 -19.82
N LEU C 55 6.94 -4.32 -19.59
CA LEU C 55 7.32 -5.54 -20.28
C LEU C 55 6.41 -6.71 -19.95
N ASP C 56 5.71 -6.64 -18.82
CA ASP C 56 4.83 -7.72 -18.42
C ASP C 56 3.35 -7.42 -18.59
N PHE C 57 3.04 -6.26 -19.17
CA PHE C 57 1.65 -5.88 -19.43
C PHE C 57 1.38 -6.16 -20.90
N PRO C 58 0.14 -6.54 -21.22
CA PRO C 58 -0.22 -6.84 -22.61
C PRO C 58 -0.35 -5.62 -23.50
N PRO C 59 -0.31 -5.82 -24.83
CA PRO C 59 -0.45 -4.68 -25.72
C PRO C 59 -1.84 -4.10 -25.46
N SER C 60 -2.02 -2.82 -25.77
CA SER C 60 -3.28 -2.11 -25.56
C SER C 60 -3.47 -1.65 -24.13
N THR C 61 -2.47 -1.89 -23.29
CA THR C 61 -2.54 -1.44 -21.91
C THR C 61 -2.39 0.09 -21.89
N VAL C 62 -3.21 0.75 -21.07
CA VAL C 62 -3.12 2.19 -20.93
C VAL C 62 -2.43 2.48 -19.60
N PHE C 63 -1.27 3.13 -19.66
CA PHE C 63 -0.50 3.45 -18.48
C PHE C 63 -0.76 4.87 -18.00
N LEU C 64 -1.11 5.01 -16.73
CA LEU C 64 -1.37 6.30 -16.11
C LEU C 64 -0.12 6.57 -15.25
N VAL C 65 0.73 7.47 -15.74
CA VAL C 65 1.99 7.81 -15.10
C VAL C 65 2.00 9.25 -14.62
N VAL C 66 1.96 9.45 -13.31
CA VAL C 66 1.93 10.79 -12.77
C VAL C 66 2.91 11.11 -11.66
N VAL C 67 4.09 11.58 -12.07
CA VAL C 67 5.16 12.05 -11.19
C VAL C 67 5.26 13.42 -11.88
N ASP C 68 4.49 14.38 -11.36
CA ASP C 68 4.34 15.68 -12.01
C ASP C 68 4.60 16.93 -11.17
N TYR C 69 5.87 17.20 -10.88
CA TYR C 69 6.26 18.37 -10.10
C TYR C 69 5.88 19.66 -10.83
N GLY C 70 5.66 19.56 -12.14
CA GLY C 70 5.31 20.74 -12.92
C GLY C 70 3.82 20.93 -13.11
N VAL C 71 3.03 20.18 -12.34
CA VAL C 71 1.57 20.28 -12.43
C VAL C 71 1.12 21.74 -12.34
N GLY C 72 0.20 22.13 -13.22
CA GLY C 72 -0.29 23.48 -13.20
C GLY C 72 0.53 24.50 -13.98
N THR C 73 1.71 24.10 -14.45
CA THR C 73 2.55 25.04 -15.21
C THR C 73 2.26 24.88 -16.71
N SER C 74 3.11 25.46 -17.54
CA SER C 74 2.94 25.39 -18.99
C SER C 74 3.36 24.05 -19.58
N ARG C 75 3.89 23.15 -18.74
CA ARG C 75 4.32 21.83 -19.21
C ARG C 75 3.12 21.16 -19.87
N LYS C 76 3.37 20.41 -20.93
CA LYS C 76 2.29 19.73 -21.64
C LYS C 76 1.81 18.42 -21.01
N ALA C 77 0.52 18.15 -21.16
CA ALA C 77 -0.11 16.93 -20.69
C ALA C 77 -0.28 16.15 -21.98
N ILE C 78 0.31 14.96 -22.04
CA ILE C 78 0.26 14.18 -23.28
C ILE C 78 -0.14 12.71 -23.17
N VAL C 79 -0.35 12.12 -24.34
CA VAL C 79 -0.70 10.72 -24.49
C VAL C 79 0.24 10.19 -25.57
N LYS C 81 1.56 6.83 -27.76
CA LYS C 81 1.28 5.47 -28.21
C LYS C 81 2.62 4.97 -28.73
N THR C 82 3.11 3.88 -28.16
CA THR C 82 4.38 3.33 -28.59
C THR C 82 4.13 2.29 -29.66
N LYS C 83 5.18 1.91 -30.38
CA LYS C 83 5.05 0.95 -31.47
C LYS C 83 4.68 -0.46 -31.06
N ASN C 84 4.82 -0.79 -29.78
CA ASN C 84 4.44 -2.13 -29.32
C ASN C 84 2.97 -2.08 -28.91
N ASP C 85 2.28 -1.01 -29.33
CA ASP C 85 0.86 -0.82 -29.07
C ASP C 85 0.43 -0.53 -27.64
N GLN C 86 1.27 0.15 -26.88
CA GLN C 86 0.91 0.51 -25.52
C GLN C 86 0.67 2.02 -25.49
N TYR C 87 -0.17 2.46 -24.55
CA TYR C 87 -0.50 3.87 -24.42
C TYR C 87 -0.06 4.41 -23.07
N PHE C 88 0.44 5.63 -23.07
CA PHE C 88 0.93 6.27 -21.86
C PHE C 88 0.33 7.66 -21.70
N VAL C 89 -0.33 7.87 -20.56
CA VAL C 89 -0.93 9.15 -20.23
C VAL C 89 -0.01 9.73 -19.17
N ALA C 90 0.63 10.85 -19.50
CA ALA C 90 1.57 11.42 -18.56
C ALA C 90 1.98 12.85 -18.89
N PRO C 91 2.70 13.48 -17.96
CA PRO C 91 3.15 14.86 -18.20
C PRO C 91 4.34 14.79 -19.15
N ASP C 92 4.51 15.82 -19.97
CA ASP C 92 5.62 15.88 -20.90
C ASP C 92 6.84 16.41 -20.15
N ASN C 93 7.36 15.59 -19.24
CA ASN C 93 8.53 15.97 -18.44
C ASN C 93 9.65 14.95 -18.47
N GLY C 94 9.63 14.08 -19.47
CA GLY C 94 10.68 13.08 -19.58
C GLY C 94 10.45 11.75 -18.90
N VAL C 95 9.30 11.56 -18.24
CA VAL C 95 9.08 10.29 -17.57
C VAL C 95 8.88 9.13 -18.57
N LEU C 96 8.47 9.45 -19.80
CA LEU C 96 8.25 8.41 -20.81
C LEU C 96 9.48 8.17 -21.68
N THR C 97 10.63 8.67 -21.24
CA THR C 97 11.88 8.55 -21.98
C THR C 97 12.28 7.12 -22.32
N VAL C 98 12.31 6.24 -21.32
CA VAL C 98 12.72 4.87 -21.55
C VAL C 98 11.77 4.07 -22.42
N VAL C 99 10.46 4.20 -22.22
CA VAL C 99 9.51 3.46 -23.05
C VAL C 99 9.57 3.97 -24.49
N ALA C 100 9.84 5.27 -24.64
CA ALA C 100 9.94 5.88 -25.95
C ALA C 100 11.16 5.34 -26.71
N GLU C 101 12.29 5.25 -26.01
CA GLU C 101 13.52 4.76 -26.62
C GLU C 101 13.52 3.27 -26.90
N GLU C 102 13.01 2.49 -25.95
CA GLU C 102 12.96 1.04 -26.09
C GLU C 102 11.88 0.53 -27.03
N TYR C 103 10.69 1.12 -26.98
CA TYR C 103 9.59 0.68 -27.84
C TYR C 103 9.41 1.50 -29.12
N GLY C 104 9.97 2.71 -29.15
CA GLY C 104 9.83 3.54 -30.33
C GLY C 104 8.49 4.25 -30.24
N VAL C 105 8.40 5.44 -30.82
CA VAL C 105 7.17 6.22 -30.77
C VAL C 105 6.34 6.16 -32.04
N ALA C 106 5.04 5.88 -31.89
CA ALA C 106 4.15 5.80 -33.05
C ALA C 106 3.35 7.08 -33.19
N GLU C 107 2.96 7.68 -32.07
CA GLU C 107 2.18 8.90 -32.10
C GLU C 107 2.14 9.58 -30.74
N ILE C 108 1.95 10.90 -30.76
CA ILE C 108 1.88 11.70 -29.53
C ILE C 108 0.78 12.74 -29.70
N ARG C 109 -0.10 12.82 -28.72
CA ARG C 109 -1.20 13.77 -28.73
C ARG C 109 -1.14 14.63 -27.47
N GLU C 110 -1.50 15.89 -27.59
CA GLU C 110 -1.53 16.75 -26.43
C GLU C 110 -2.97 16.65 -25.95
N ILE C 111 -3.14 16.56 -24.64
CA ILE C 111 -4.47 16.47 -24.07
C ILE C 111 -5.12 17.85 -24.13
N GLU C 112 -6.10 18.01 -25.02
CA GLU C 112 -6.78 19.30 -25.19
C GLU C 112 -8.30 19.22 -25.07
N ASN C 113 -8.87 18.03 -25.25
CA ASN C 113 -10.31 17.86 -25.16
C ASN C 113 -10.77 17.94 -23.71
N ARG C 114 -11.27 19.10 -23.32
CA ARG C 114 -11.73 19.30 -21.94
C ARG C 114 -12.92 18.42 -21.57
N GLU C 115 -13.63 17.89 -22.57
CA GLU C 115 -14.78 17.05 -22.29
C GLU C 115 -14.35 15.70 -21.71
N LEU C 116 -13.05 15.42 -21.74
CA LEU C 116 -12.54 14.17 -21.20
C LEU C 116 -12.11 14.35 -19.74
N PHE C 117 -12.16 15.59 -19.26
CA PHE C 117 -11.77 15.90 -17.89
C PHE C 117 -12.80 15.47 -16.85
N TYR C 118 -12.36 15.33 -15.61
CA TYR C 118 -13.23 14.92 -14.51
C TYR C 118 -14.13 16.06 -14.08
N LYS C 119 -13.55 17.24 -13.92
CA LYS C 119 -14.31 18.42 -13.51
C LYS C 119 -14.11 19.55 -14.52
N LYS C 120 -15.10 20.42 -14.65
CA LYS C 120 -15.00 21.54 -15.57
C LYS C 120 -13.78 22.37 -15.20
N ASN C 121 -13.63 22.64 -13.91
CA ASN C 121 -12.51 23.43 -13.40
C ASN C 121 -11.45 22.55 -12.73
N PRO C 122 -10.46 22.09 -13.51
CA PRO C 122 -9.40 21.23 -12.96
C PRO C 122 -8.60 21.96 -11.88
N SER C 123 -8.19 21.24 -10.84
CA SER C 123 -7.41 21.85 -9.78
C SER C 123 -6.05 22.24 -10.35
N PHE C 124 -5.38 23.19 -9.71
CA PHE C 124 -4.07 23.63 -10.20
C PHE C 124 -2.97 22.64 -9.86
N THR C 125 -3.15 21.89 -8.79
CA THR C 125 -2.11 20.96 -8.36
C THR C 125 -2.47 19.47 -8.36
N PHE C 126 -3.60 19.09 -8.93
CA PHE C 126 -3.95 17.67 -8.96
C PHE C 126 -4.49 17.25 -10.33
N HIS C 127 -3.69 17.48 -11.37
CA HIS C 127 -4.07 17.10 -12.73
C HIS C 127 -4.21 15.57 -12.80
N GLY C 128 -3.51 14.88 -11.91
CA GLY C 128 -3.58 13.43 -11.90
C GLY C 128 -5.03 12.99 -11.79
N ARG C 129 -5.77 13.65 -10.91
CA ARG C 129 -7.17 13.32 -10.69
C ARG C 129 -8.10 13.95 -11.72
N ASP C 130 -7.87 15.22 -12.03
CA ASP C 130 -8.75 15.94 -12.92
C ASP C 130 -8.55 15.83 -14.42
N ILE C 131 -7.35 15.43 -14.84
CA ILE C 131 -7.07 15.32 -16.26
C ILE C 131 -6.54 13.96 -16.70
N PHE C 132 -5.37 13.58 -16.18
CA PHE C 132 -4.75 12.33 -16.55
C PHE C 132 -5.59 11.06 -16.29
N ALA C 133 -6.09 10.91 -15.06
CA ALA C 133 -6.89 9.73 -14.70
C ALA C 133 -8.10 9.54 -15.61
N PRO C 134 -8.95 10.56 -15.76
CA PRO C 134 -10.14 10.40 -16.62
C PRO C 134 -9.78 10.15 -18.08
N VAL C 135 -8.73 10.79 -18.57
CA VAL C 135 -8.29 10.58 -19.94
C VAL C 135 -7.82 9.14 -20.09
N ALA C 136 -7.13 8.63 -19.08
CA ALA C 136 -6.65 7.25 -19.13
C ALA C 136 -7.86 6.30 -19.10
N ALA C 137 -8.88 6.67 -18.34
CA ALA C 137 -10.09 5.86 -18.24
C ALA C 137 -10.84 5.83 -19.57
N HIS C 138 -10.99 6.99 -20.20
CA HIS C 138 -11.68 7.09 -21.48
C HIS C 138 -10.93 6.29 -22.53
N LEU C 139 -9.61 6.43 -22.56
CA LEU C 139 -8.78 5.70 -23.53
C LEU C 139 -8.89 4.19 -23.38
N ASP C 140 -8.81 3.72 -22.14
CA ASP C 140 -8.88 2.31 -21.82
C ASP C 140 -10.26 1.75 -22.15
N GLY C 142 -12.05 2.65 -25.03
CA GLY C 142 -12.37 2.78 -26.44
C GLY C 142 -12.08 4.10 -27.12
N LEU C 143 -12.23 5.21 -26.41
CA LEU C 143 -11.99 6.54 -26.99
C LEU C 143 -10.87 6.59 -28.01
N PRO C 144 -11.19 7.00 -29.26
CA PRO C 144 -10.17 7.08 -30.30
C PRO C 144 -9.12 8.13 -29.92
N LEU C 145 -7.87 7.83 -30.24
CA LEU C 145 -6.75 8.72 -29.92
C LEU C 145 -6.94 10.15 -30.44
N GLU C 146 -7.42 10.27 -31.68
CA GLU C 146 -7.63 11.60 -32.27
C GLU C 146 -8.59 12.47 -31.47
N ARG C 147 -9.37 11.84 -30.59
CA ARG C 147 -10.33 12.56 -29.76
C ARG C 147 -9.65 13.23 -28.56
N VAL C 148 -8.36 12.99 -28.39
CA VAL C 148 -7.61 13.56 -27.28
C VAL C 148 -7.17 15.01 -27.54
N GLY C 149 -6.68 15.26 -28.75
CA GLY C 149 -6.21 16.59 -29.12
C GLY C 149 -5.29 16.52 -30.32
N ASP C 150 -4.66 17.63 -30.68
CA ASP C 150 -3.77 17.64 -31.83
C ASP C 150 -2.52 16.81 -31.62
N ARG C 151 -1.84 16.46 -32.70
CA ARG C 151 -0.62 15.68 -32.62
C ARG C 151 0.54 16.60 -32.22
N LEU C 152 1.60 15.99 -31.71
CA LEU C 152 2.81 16.71 -31.31
C LEU C 152 3.92 15.95 -32.03
N LEU C 153 5.00 16.63 -32.38
CA LEU C 153 6.09 15.97 -33.07
C LEU C 153 7.32 15.74 -32.22
N SER C 154 7.30 16.23 -30.99
CA SER C 154 8.43 16.05 -30.10
C SER C 154 7.94 15.98 -28.66
N TYR C 155 8.83 15.52 -27.78
CA TYR C 155 8.52 15.39 -26.36
C TYR C 155 9.81 15.58 -25.58
N GLU C 156 9.69 16.04 -24.33
CA GLU C 156 10.88 16.24 -23.50
C GLU C 156 11.56 14.90 -23.24
N VAL C 157 12.88 14.90 -23.32
CA VAL C 157 13.66 13.69 -23.10
C VAL C 157 14.64 13.86 -21.96
N LEU C 158 14.77 12.84 -21.12
CA LEU C 158 15.70 12.91 -20.01
C LEU C 158 17.10 12.56 -20.50
N LYS C 159 18.06 13.45 -20.25
CA LYS C 159 19.43 13.22 -20.67
C LYS C 159 19.96 12.00 -19.96
N ARG C 161 23.00 8.53 -19.88
CA ARG C 161 24.32 8.03 -20.22
C ARG C 161 24.18 6.59 -20.71
N LYS C 162 24.02 6.42 -22.02
CA LYS C 162 23.87 5.10 -22.61
C LYS C 162 25.01 4.18 -22.19
N PRO C 163 24.69 3.01 -21.64
CA PRO C 163 25.70 2.05 -21.20
C PRO C 163 26.46 1.45 -22.38
N VAL C 164 27.78 1.35 -22.24
CA VAL C 164 28.62 0.79 -23.30
C VAL C 164 29.61 -0.24 -22.80
N VAL C 165 30.32 -0.86 -23.73
CA VAL C 165 31.34 -1.87 -23.42
C VAL C 165 32.68 -1.45 -24.02
N GLU C 166 33.76 -1.68 -23.29
CA GLU C 166 35.10 -1.33 -23.76
C GLU C 166 36.18 -1.61 -22.72
N LYS C 169 35.47 -3.89 -20.21
CA LYS C 169 34.53 -3.68 -19.06
C LYS C 169 33.25 -2.99 -19.52
N VAL C 170 32.26 -2.97 -18.62
CA VAL C 170 30.99 -2.33 -18.91
C VAL C 170 30.80 -1.16 -17.95
N ILE C 171 30.18 -0.09 -18.44
CA ILE C 171 29.96 1.10 -17.62
C ILE C 171 28.50 1.55 -17.71
N GLY C 172 27.89 1.77 -16.56
CA GLY C 172 26.49 2.19 -16.55
C GLY C 172 26.09 2.97 -15.31
N GLU C 173 24.79 2.94 -15.00
CA GLU C 173 24.25 3.64 -13.84
C GLU C 173 23.25 2.78 -13.09
N VAL C 174 23.14 3.02 -11.79
CA VAL C 174 22.19 2.32 -10.94
C VAL C 174 20.83 2.91 -11.29
N ALA C 175 19.91 2.06 -11.73
CA ALA C 175 18.59 2.52 -12.13
C ALA C 175 17.54 2.36 -11.03
N ILE C 176 17.57 1.21 -10.36
CA ILE C 176 16.61 0.91 -9.32
C ILE C 176 17.20 0.09 -8.17
N VAL C 177 16.90 0.52 -6.95
CA VAL C 177 17.32 -0.21 -5.77
C VAL C 177 15.98 -0.67 -5.23
N ASP C 178 15.75 -1.99 -5.15
CA ASP C 178 14.46 -2.47 -4.66
C ASP C 178 14.36 -2.63 -3.16
N THR C 179 13.26 -3.21 -2.71
CA THR C 179 12.99 -3.41 -1.30
C THR C 179 14.07 -4.19 -0.56
N PHE C 180 14.64 -5.17 -1.23
CA PHE C 180 15.69 -6.01 -0.65
C PHE C 180 17.05 -5.32 -0.64
N GLY C 181 17.15 -4.21 -1.36
CA GLY C 181 18.44 -3.53 -1.44
C GLY C 181 19.22 -4.01 -2.66
N ASN C 182 18.57 -4.77 -3.53
CA ASN C 182 19.23 -5.25 -4.74
C ASN C 182 19.42 -4.03 -5.65
N VAL C 183 20.59 -3.94 -6.26
CA VAL C 183 20.90 -2.81 -7.12
C VAL C 183 20.82 -3.17 -8.60
N SER C 184 19.78 -2.69 -9.27
CA SER C 184 19.62 -2.96 -10.69
C SER C 184 20.14 -1.80 -11.52
N THR C 185 20.96 -2.14 -12.52
CA THR C 185 21.57 -1.16 -13.41
C THR C 185 20.81 -1.03 -14.72
N ASN C 186 21.26 -0.11 -15.56
CA ASN C 186 20.65 0.12 -16.85
C ASN C 186 21.44 -0.65 -17.89
N ILE C 187 22.31 -1.54 -17.41
CA ILE C 187 23.15 -2.37 -18.26
C ILE C 187 22.47 -3.68 -18.64
N PRO C 188 22.09 -3.85 -19.92
CA PRO C 188 21.45 -5.10 -20.33
C PRO C 188 22.43 -6.24 -20.01
N PHE C 189 21.92 -7.32 -19.42
CA PHE C 189 22.80 -8.44 -19.09
C PHE C 189 23.44 -9.07 -20.31
N ASP C 190 22.83 -8.89 -21.48
CA ASP C 190 23.37 -9.44 -22.73
C ASP C 190 24.62 -8.67 -23.14
N LEU C 191 24.56 -7.35 -23.00
CA LEU C 191 25.69 -6.50 -23.35
C LEU C 191 26.88 -6.88 -22.48
N PHE C 192 26.61 -7.22 -21.22
CA PHE C 192 27.65 -7.62 -20.28
C PHE C 192 28.27 -8.95 -20.67
N LEU C 193 27.46 -9.86 -21.20
CA LEU C 193 27.94 -11.17 -21.61
C LEU C 193 28.93 -11.07 -22.78
N LYS C 194 28.90 -9.96 -23.48
CA LYS C 194 29.83 -9.74 -24.60
C LYS C 194 31.17 -9.29 -24.03
N LEU C 195 31.53 -9.82 -22.87
CA LEU C 195 32.78 -9.48 -22.20
C LEU C 195 33.56 -10.76 -21.91
N SER C 196 33.25 -11.82 -22.65
CA SER C 196 33.91 -13.11 -22.46
C SER C 196 33.82 -13.52 -21.00
N VAL C 197 32.74 -13.11 -20.35
CA VAL C 197 32.52 -13.46 -18.96
C VAL C 197 31.57 -14.65 -18.96
N ASP C 198 31.60 -15.43 -17.88
CA ASP C 198 30.73 -16.59 -17.78
C ASP C 198 30.32 -16.82 -16.33
N PHE C 199 29.24 -17.56 -16.14
CA PHE C 199 28.77 -17.85 -14.79
C PHE C 199 29.86 -18.56 -14.02
N ASP C 200 30.00 -18.16 -12.75
CA ASP C 200 31.00 -18.69 -11.82
C ASP C 200 32.23 -17.80 -11.78
N ASP C 201 32.39 -16.94 -12.79
CA ASP C 201 33.53 -16.03 -12.82
C ASP C 201 33.36 -14.91 -11.79
N VAL C 202 34.47 -14.39 -11.30
CA VAL C 202 34.45 -13.33 -10.31
C VAL C 202 34.88 -12.01 -10.94
N VAL C 203 33.96 -11.06 -11.01
CA VAL C 203 34.27 -9.75 -11.59
C VAL C 203 34.44 -8.71 -10.49
N ARG C 204 34.87 -7.52 -10.87
CA ARG C 204 35.08 -6.46 -9.89
C ARG C 204 34.04 -5.37 -10.07
N VAL C 205 33.37 -5.02 -8.98
CA VAL C 205 32.35 -3.98 -9.04
C VAL C 205 32.96 -2.68 -8.53
N ARG C 206 32.93 -1.66 -9.37
CA ARG C 206 33.49 -0.36 -9.01
C ARG C 206 32.42 0.70 -8.87
N VAL C 207 32.21 1.15 -7.64
CA VAL C 207 31.23 2.19 -7.36
C VAL C 207 31.93 3.31 -6.63
N GLY C 208 31.90 4.50 -7.24
CA GLY C 208 32.58 5.64 -6.64
C GLY C 208 34.07 5.43 -6.68
N ARG C 209 34.66 5.18 -5.52
CA ARG C 209 36.11 4.98 -5.42
C ARG C 209 36.40 3.65 -4.74
N LYS C 210 35.36 2.86 -4.53
CA LYS C 210 35.50 1.55 -3.89
C LYS C 210 35.40 0.44 -4.93
N GLU C 211 36.00 -0.70 -4.61
CA GLU C 211 35.97 -1.84 -5.51
C GLU C 211 35.66 -3.10 -4.70
N PHE C 212 34.78 -3.93 -5.24
CA PHE C 212 34.39 -5.17 -4.58
C PHE C 212 34.52 -6.34 -5.53
N LYS C 213 34.60 -7.54 -4.97
CA LYS C 213 34.68 -8.76 -5.78
C LYS C 213 33.27 -9.35 -5.78
N ALA C 214 32.77 -9.68 -6.97
CA ALA C 214 31.43 -10.24 -7.09
C ALA C 214 31.42 -11.43 -8.06
N ALA C 215 30.72 -12.49 -7.66
CA ALA C 215 30.63 -13.69 -8.49
C ALA C 215 29.45 -13.60 -9.45
N VAL C 216 29.66 -14.03 -10.70
CA VAL C 216 28.60 -14.03 -11.68
C VAL C 216 27.80 -15.29 -11.43
N ALA C 217 26.54 -15.12 -11.01
CA ALA C 217 25.69 -16.26 -10.71
C ALA C 217 24.29 -16.10 -11.29
N LYS C 218 23.47 -17.14 -11.13
CA LYS C 218 22.11 -17.13 -11.65
C LYS C 218 21.10 -16.82 -10.54
N ALA C 219 21.28 -17.48 -9.40
CA ALA C 219 20.39 -17.29 -8.25
C ALA C 219 21.16 -16.85 -7.01
N PHE C 220 20.49 -16.08 -6.15
CA PHE C 220 21.08 -15.58 -4.92
C PHE C 220 21.76 -16.70 -4.13
N GLY C 221 21.08 -17.85 -4.05
CA GLY C 221 21.60 -18.99 -3.32
C GLY C 221 22.81 -19.68 -3.94
N ASP C 222 23.26 -19.20 -5.10
CA ASP C 222 24.42 -19.79 -5.75
C ASP C 222 25.71 -19.40 -5.03
N VAL C 223 25.60 -18.47 -4.09
CA VAL C 223 26.77 -18.02 -3.32
C VAL C 223 26.47 -18.15 -1.84
N ASP C 224 27.51 -18.07 -1.02
CA ASP C 224 27.31 -18.16 0.43
C ASP C 224 26.51 -16.96 0.91
N THR C 225 25.86 -17.11 2.05
CA THR C 225 25.06 -16.03 2.61
C THR C 225 25.94 -14.81 2.85
N GLY C 226 25.40 -13.63 2.54
CA GLY C 226 26.16 -12.41 2.75
C GLY C 226 27.14 -12.07 1.64
N GLU C 227 27.31 -12.97 0.67
CA GLU C 227 28.23 -12.72 -0.43
C GLU C 227 27.60 -11.94 -1.56
N LEU C 228 28.43 -11.20 -2.30
CA LEU C 228 27.97 -10.40 -3.43
C LEU C 228 27.88 -11.23 -4.69
N LEU C 229 26.91 -10.90 -5.54
CA LEU C 229 26.75 -11.61 -6.80
C LEU C 229 26.28 -10.65 -7.86
N VAL C 230 26.55 -10.99 -9.11
CA VAL C 230 26.14 -10.20 -10.26
C VAL C 230 25.28 -11.16 -11.07
N HIS C 231 24.10 -10.71 -11.49
CA HIS C 231 23.23 -11.60 -12.26
C HIS C 231 22.16 -10.83 -13.04
N PRO C 232 21.37 -11.54 -13.85
CA PRO C 232 20.32 -10.86 -14.62
C PRO C 232 19.03 -10.78 -13.80
N ASP C 233 18.45 -9.60 -13.67
CA ASP C 233 17.20 -9.51 -12.92
C ASP C 233 16.05 -9.97 -13.81
N SER C 234 14.83 -9.94 -13.28
CA SER C 234 13.66 -10.40 -14.02
C SER C 234 13.31 -9.61 -15.28
N ALA C 235 14.09 -8.57 -15.58
CA ALA C 235 13.82 -7.76 -16.77
C ALA C 235 14.99 -7.82 -17.77
N GLY C 236 15.97 -8.67 -17.48
CA GLY C 236 17.10 -8.82 -18.38
C GLY C 236 18.23 -7.85 -18.13
N PHE C 237 18.17 -7.10 -17.03
CA PHE C 237 19.22 -6.13 -16.70
C PHE C 237 20.19 -6.67 -15.66
N LEU C 238 21.43 -6.25 -15.75
CA LEU C 238 22.45 -6.68 -14.81
C LEU C 238 22.12 -6.10 -13.44
N GLU C 239 22.04 -6.96 -12.43
CA GLU C 239 21.72 -6.53 -11.09
C GLU C 239 22.74 -7.06 -10.10
N ILE C 240 23.11 -6.23 -9.14
CA ILE C 240 24.07 -6.61 -8.11
C ILE C 240 23.28 -6.82 -6.82
N ALA C 241 23.54 -7.94 -6.16
CA ALA C 241 22.84 -8.24 -4.92
C ALA C 241 23.72 -8.98 -3.94
N VAL C 242 23.26 -9.04 -2.71
CA VAL C 242 23.92 -9.74 -1.63
C VAL C 242 22.95 -10.84 -1.21
N ASN C 243 23.40 -12.09 -1.26
CA ASN C 243 22.52 -13.19 -0.87
C ASN C 243 22.06 -13.03 0.57
N LEU C 244 20.75 -12.93 0.75
CA LEU C 244 20.16 -12.76 2.07
C LEU C 244 20.69 -11.48 2.72
N GLY C 245 21.01 -10.50 1.89
CA GLY C 245 21.54 -9.23 2.38
C GLY C 245 21.10 -8.04 1.54
N ASP C 246 21.66 -6.87 1.85
CA ASP C 246 21.33 -5.63 1.17
C ASP C 246 22.52 -5.05 0.40
N ALA C 247 22.53 -5.25 -0.92
CA ALA C 247 23.62 -4.75 -1.75
C ALA C 247 23.80 -3.23 -1.69
N SER C 248 22.68 -2.50 -1.71
CA SER C 248 22.74 -1.04 -1.65
C SER C 248 23.49 -0.56 -0.41
N GLN C 249 23.32 -1.28 0.69
CA GLN C 249 23.99 -0.94 1.94
C GLN C 249 25.47 -1.33 1.92
N VAL C 250 25.75 -2.52 1.42
CA VAL C 250 27.12 -3.00 1.32
C VAL C 250 27.94 -2.11 0.40
N LEU C 251 27.40 -1.86 -0.79
CA LEU C 251 28.08 -1.05 -1.79
C LEU C 251 27.93 0.44 -1.46
N SER C 252 27.04 0.73 -0.50
CA SER C 252 26.79 2.11 -0.10
C SER C 252 26.55 2.92 -1.37
N VAL C 253 25.55 2.50 -2.14
CA VAL C 253 25.22 3.14 -3.41
C VAL C 253 23.74 3.53 -3.49
N LYS C 254 23.44 4.52 -4.33
CA LYS C 254 22.07 4.98 -4.50
C LYS C 254 21.79 5.11 -5.98
N GLU C 255 20.50 5.20 -6.32
CA GLU C 255 20.12 5.31 -7.72
C GLU C 255 20.82 6.52 -8.35
N GLY C 256 21.03 6.45 -9.67
CA GLY C 256 21.72 7.53 -10.36
C GLY C 256 23.23 7.36 -10.29
N ASP C 257 23.69 6.59 -9.31
CA ASP C 257 25.12 6.35 -9.14
C ASP C 257 25.72 5.57 -10.30
N GLU C 258 26.88 6.04 -10.76
CA GLU C 258 27.60 5.40 -11.86
C GLU C 258 28.30 4.15 -11.34
N ILE C 259 28.21 3.05 -12.09
CA ILE C 259 28.85 1.82 -11.68
C ILE C 259 29.72 1.27 -12.80
N GLU C 260 30.76 0.55 -12.41
CA GLU C 260 31.69 -0.03 -13.36
C GLU C 260 31.95 -1.49 -13.01
N ILE C 261 31.95 -2.34 -14.03
CA ILE C 261 32.21 -3.76 -13.83
C ILE C 261 33.38 -4.14 -14.71
N CYS C 262 34.48 -4.57 -14.10
CA CYS C 262 35.66 -4.99 -14.84
C CYS C 262 35.76 -6.50 -14.88
#